data_7MK2
#
_entry.id   7MK2
#
_cell.length_a   1.00
_cell.length_b   1.00
_cell.length_c   1.00
_cell.angle_alpha   90.00
_cell.angle_beta   90.00
_cell.angle_gamma   90.00
#
_symmetry.space_group_name_H-M   'P 1'
#
loop_
_entity.id
_entity.type
_entity.pdbx_description
1 polymer 'Regulatory protein NPR1'
2 non-polymer 'ZINC ION'
#
_entity_poly.entity_id   1
_entity_poly.type   'polypeptide(L)'
_entity_poly.pdbx_seq_one_letter_code
;GPLMDTTIDGFADSYEISSTSFVATDNTDSSIVYLAAEQVLTGPDVSALQLLSNSFESVFDSPDDFYSDAKLVLSDGREV
SFHRCVLSARSSFFKSALAAAKKEKDSNNTAAVKLELKEIAKDYEVGFDSVVTVLAYVYSSRVRPPPKGVSECADENCCH
VACRPAVDFMLEVLYLAFIFKIPELITLYQRHLLDVVDKVVIEDTLVILKLANICGKACMKLLDRCKEIIVKSNVDMVSL
EKSLPEELVKEIIDRRKELGLEVPKVKKHVSNVHKALDSDDIELVKLLLKEDHTNLDDACALHFAVAYCNVKTATDLLKL
DLADVNHRNPRGYTVLHVAAMRKEPQLILSLLEKGASASEATLEGRTALMIAKQATMAVECNNIPEQCKHSLKGRLCVEI
LEQEDKREQIPRDVPPSFAVAADELKMTLLDLENRVALAQRLFPTEAQAAMEIAEMKGTCEFIVTSLEPDRLTGTKRTSP
GVKIAPFRILEEHQSRLKALSKTVELGKRFFPRCSAVLDQIMNCEDLTQLACGEDDTAEKRLQKKQRYMEIQETLKKAFS
EDNLELGNSSLTDSTSSTSKSTGGKRSNRKLSHRRRGGWSHPQFEK
;
_entity_poly.pdbx_strand_id   A,B
#
loop_
_chem_comp.id
_chem_comp.type
_chem_comp.name
_chem_comp.formula
ZN non-polymer 'ZINC ION' 'Zn 2'
#
# COMPACT_ATOMS: atom_id res chain seq x y z
N GLY A 43 17.84 0.74 10.36
CA GLY A 43 17.18 1.01 9.09
C GLY A 43 15.82 1.66 9.26
N PRO A 44 15.79 2.99 9.37
CA PRO A 44 14.51 3.69 9.51
C PRO A 44 13.66 3.63 8.25
N ASP A 45 14.29 3.89 7.09
CA ASP A 45 13.54 3.93 5.84
C ASP A 45 12.98 2.57 5.47
N VAL A 46 13.76 1.50 5.69
CA VAL A 46 13.30 0.16 5.34
C VAL A 46 12.16 -0.27 6.27
N SER A 47 12.22 0.12 7.54
CA SER A 47 11.21 -0.31 8.50
C SER A 47 9.83 0.25 8.15
N ALA A 48 9.77 1.50 7.70
CA ALA A 48 8.49 2.08 7.34
C ALA A 48 7.87 1.36 6.16
N LEU A 49 8.68 1.02 5.16
CA LEU A 49 8.18 0.25 4.02
C LEU A 49 7.71 -1.13 4.46
N GLN A 50 8.45 -1.76 5.36
CA GLN A 50 8.03 -3.06 5.88
C GLN A 50 6.68 -2.97 6.58
N LEU A 51 6.49 -1.92 7.39
CA LEU A 51 5.22 -1.74 8.07
C LEU A 51 4.09 -1.53 7.09
N LEU A 52 4.33 -0.72 6.05
CA LEU A 52 3.32 -0.53 5.01
C LEU A 52 2.94 -1.86 4.38
N SER A 53 3.94 -2.67 4.04
CA SER A 53 3.67 -3.95 3.39
C SER A 53 2.89 -4.89 4.32
N ASN A 54 3.25 -4.94 5.59
CA ASN A 54 2.52 -5.80 6.52
C ASN A 54 1.08 -5.33 6.69
N SER A 55 0.87 -4.02 6.74
CA SER A 55 -0.50 -3.51 6.85
C SER A 55 -1.33 -3.92 5.64
N PHE A 56 -0.77 -3.81 4.44
CA PHE A 56 -1.56 -4.17 3.26
C PHE A 56 -1.73 -5.68 3.13
N GLU A 57 -0.76 -6.46 3.62
CA GLU A 57 -0.97 -7.90 3.68
C GLU A 57 -2.11 -8.25 4.63
N SER A 58 -2.18 -7.55 5.77
CA SER A 58 -3.30 -7.72 6.67
C SER A 58 -4.60 -7.29 6.03
N VAL A 59 -4.56 -6.32 5.11
CA VAL A 59 -5.73 -5.99 4.32
C VAL A 59 -6.16 -7.20 3.50
N PHE A 60 -5.21 -7.79 2.77
CA PHE A 60 -5.56 -8.90 1.87
C PHE A 60 -6.09 -10.10 2.62
N ASP A 61 -5.46 -10.45 3.75
CA ASP A 61 -5.82 -11.69 4.43
C ASP A 61 -7.27 -11.71 4.88
N SER A 62 -7.81 -10.56 5.25
CA SER A 62 -9.20 -10.44 5.69
C SER A 62 -9.88 -9.37 4.85
N PRO A 63 -10.47 -9.73 3.73
CA PRO A 63 -10.98 -8.72 2.80
C PRO A 63 -12.38 -8.25 3.15
N ASP A 64 -13.12 -9.06 3.91
CA ASP A 64 -14.49 -8.70 4.25
C ASP A 64 -14.54 -7.49 5.16
N ASP A 65 -13.60 -7.40 6.10
CA ASP A 65 -13.66 -6.36 7.12
C ASP A 65 -13.22 -4.99 6.60
N PHE A 66 -12.32 -4.94 5.63
CA PHE A 66 -11.74 -3.68 5.19
C PHE A 66 -12.40 -3.13 3.93
N TYR A 67 -13.71 -3.36 3.77
CA TYR A 67 -14.53 -2.70 2.76
C TYR A 67 -14.06 -3.00 1.34
N SER A 68 -14.10 -4.28 0.99
CA SER A 68 -13.82 -4.70 -0.37
C SER A 68 -14.94 -4.25 -1.31
N ASP A 69 -14.61 -4.15 -2.60
CA ASP A 69 -15.55 -3.59 -3.55
C ASP A 69 -15.67 -4.42 -4.83
N ALA A 70 -14.82 -5.41 -5.05
CA ALA A 70 -14.96 -6.21 -6.25
C ALA A 70 -14.46 -7.62 -6.00
N LYS A 71 -14.80 -8.54 -6.91
CA LYS A 71 -14.44 -9.95 -6.76
C LYS A 71 -14.06 -10.53 -8.11
N LEU A 72 -12.94 -11.25 -8.15
CA LEU A 72 -12.62 -12.10 -9.29
C LEU A 72 -13.34 -13.44 -9.14
N VAL A 73 -13.84 -13.97 -10.25
CA VAL A 73 -14.50 -15.28 -10.23
C VAL A 73 -13.78 -16.21 -11.21
N LEU A 74 -13.46 -17.41 -10.73
CA LEU A 74 -12.66 -18.36 -11.49
C LEU A 74 -13.56 -19.28 -12.31
N SER A 75 -12.99 -20.37 -12.84
CA SER A 75 -13.74 -21.27 -13.71
C SER A 75 -14.80 -22.05 -12.94
N ASP A 76 -14.37 -22.82 -11.93
CA ASP A 76 -15.32 -23.64 -11.19
C ASP A 76 -16.33 -22.82 -10.41
N GLY A 77 -16.00 -21.57 -10.09
CA GLY A 77 -16.94 -20.71 -9.41
C GLY A 77 -16.48 -20.23 -8.04
N ARG A 78 -15.17 -20.12 -7.85
CA ARG A 78 -14.64 -19.57 -6.61
C ARG A 78 -14.34 -18.09 -6.79
N GLU A 79 -14.58 -17.33 -5.72
CA GLU A 79 -14.50 -15.88 -5.75
C GLU A 79 -13.42 -15.39 -4.80
N VAL A 80 -12.60 -14.47 -5.28
CA VAL A 80 -11.54 -13.85 -4.48
C VAL A 80 -11.82 -12.36 -4.42
N SER A 81 -11.93 -11.83 -3.21
CA SER A 81 -12.26 -10.42 -3.03
C SER A 81 -11.03 -9.54 -3.24
N PHE A 82 -11.22 -8.41 -3.91
CA PHE A 82 -10.16 -7.43 -4.10
C PHE A 82 -10.76 -6.03 -4.11
N HIS A 83 -9.91 -5.07 -3.74
CA HIS A 83 -10.28 -3.66 -3.64
C HIS A 83 -9.82 -2.94 -4.90
N ARG A 84 -10.74 -2.21 -5.53
CA ARG A 84 -10.46 -1.64 -6.85
C ARG A 84 -9.30 -0.66 -6.83
N CYS A 85 -9.02 -0.02 -5.69
CA CYS A 85 -7.95 0.97 -5.63
C CYS A 85 -6.60 0.35 -5.95
N VAL A 86 -6.25 -0.73 -5.23
CA VAL A 86 -4.90 -1.26 -5.29
C VAL A 86 -4.64 -1.91 -6.64
N LEU A 87 -5.57 -2.73 -7.14
CA LEU A 87 -5.35 -3.34 -8.44
C LEU A 87 -5.55 -2.37 -9.58
N SER A 88 -6.34 -1.30 -9.40
CA SER A 88 -6.35 -0.24 -10.39
C SER A 88 -4.98 0.43 -10.48
N ALA A 89 -4.33 0.60 -9.34
CA ALA A 89 -3.04 1.29 -9.32
C ALA A 89 -1.89 0.42 -9.80
N ARG A 90 -1.91 -0.87 -9.48
CA ARG A 90 -0.75 -1.72 -9.66
C ARG A 90 -0.68 -2.36 -11.05
N SER A 91 -1.67 -2.15 -11.91
CA SER A 91 -1.63 -2.74 -13.25
C SER A 91 -2.53 -1.95 -14.18
N SER A 92 -2.04 -1.68 -15.39
CA SER A 92 -2.82 -0.91 -16.35
C SER A 92 -4.06 -1.66 -16.81
N PHE A 93 -3.92 -2.98 -17.02
CA PHE A 93 -5.00 -3.78 -17.59
C PHE A 93 -6.24 -3.73 -16.70
N PHE A 94 -6.05 -3.87 -15.39
CA PHE A 94 -7.19 -3.81 -14.48
C PHE A 94 -7.82 -2.43 -14.50
N LYS A 95 -7.00 -1.38 -14.61
CA LYS A 95 -7.53 -0.03 -14.69
C LYS A 95 -8.45 0.13 -15.89
N SER A 96 -8.01 -0.38 -17.04
CA SER A 96 -8.85 -0.33 -18.24
C SER A 96 -10.14 -1.12 -18.06
N ALA A 97 -10.03 -2.33 -17.49
CA ALA A 97 -11.21 -3.16 -17.32
C ALA A 97 -12.24 -2.48 -16.42
N LEU A 98 -11.79 -1.93 -15.30
CA LEU A 98 -12.70 -1.28 -14.37
C LEU A 98 -13.30 -0.02 -14.97
N ALA A 99 -12.50 0.78 -15.68
CA ALA A 99 -13.06 1.95 -16.35
C ALA A 99 -14.08 1.56 -17.39
N ALA A 100 -13.96 0.36 -17.95
CA ALA A 100 -14.96 -0.13 -18.89
C ALA A 100 -16.23 -0.55 -18.16
N ALA A 101 -16.10 -1.22 -17.02
CA ALA A 101 -17.25 -1.76 -16.31
C ALA A 101 -17.90 -0.79 -15.33
N LYS A 102 -17.40 0.45 -15.24
CA LYS A 102 -17.88 1.39 -14.22
C LYS A 102 -19.28 1.91 -14.48
N LYS A 103 -19.87 1.69 -15.65
CA LYS A 103 -21.17 2.27 -15.94
C LYS A 103 -22.23 1.28 -16.41
N GLU A 104 -21.83 0.11 -16.94
CA GLU A 104 -22.81 -0.85 -17.42
C GLU A 104 -23.83 -1.19 -16.34
N LYS A 105 -23.36 -1.53 -15.15
CA LYS A 105 -24.22 -1.79 -13.99
C LYS A 105 -23.92 -0.77 -12.92
N ASP A 106 -24.95 -0.05 -12.48
CA ASP A 106 -24.85 0.87 -11.37
C ASP A 106 -25.29 0.12 -10.12
N SER A 107 -24.31 -0.28 -9.30
CA SER A 107 -24.61 -1.16 -8.16
C SER A 107 -25.51 -0.47 -7.14
N ASN A 108 -25.22 0.79 -6.81
CA ASN A 108 -25.95 1.53 -5.78
C ASN A 108 -25.91 0.79 -4.45
N ASN A 109 -24.74 0.23 -4.12
CA ASN A 109 -24.51 -0.49 -2.86
C ASN A 109 -25.49 -1.65 -2.70
N THR A 110 -25.76 -2.35 -3.79
CA THR A 110 -26.56 -3.57 -3.75
C THR A 110 -25.71 -4.83 -3.88
N ALA A 111 -24.60 -4.74 -4.59
CA ALA A 111 -23.64 -5.84 -4.74
C ALA A 111 -22.33 -5.22 -5.20
N ALA A 112 -21.40 -6.07 -5.61
CA ALA A 112 -20.12 -5.63 -6.12
C ALA A 112 -20.04 -5.91 -7.62
N VAL A 113 -18.92 -5.54 -8.22
CA VAL A 113 -18.66 -5.84 -9.63
C VAL A 113 -17.75 -7.05 -9.69
N LYS A 114 -18.21 -8.10 -10.37
CA LYS A 114 -17.48 -9.35 -10.46
C LYS A 114 -16.83 -9.47 -11.84
N LEU A 115 -15.56 -9.88 -11.84
CA LEU A 115 -14.79 -10.00 -13.06
C LEU A 115 -14.65 -11.47 -13.43
N GLU A 116 -15.13 -11.82 -14.62
CA GLU A 116 -15.10 -13.20 -15.11
C GLU A 116 -13.75 -13.44 -15.77
N LEU A 117 -12.96 -14.35 -15.20
CA LEU A 117 -11.59 -14.52 -15.68
C LEU A 117 -11.55 -15.06 -17.10
N LYS A 118 -12.49 -15.94 -17.46
CA LYS A 118 -12.51 -16.50 -18.80
C LYS A 118 -12.68 -15.41 -19.84
N GLU A 119 -13.60 -14.47 -19.62
CA GLU A 119 -13.77 -13.35 -20.54
C GLU A 119 -12.59 -12.39 -20.51
N ILE A 120 -11.69 -12.53 -19.54
CA ILE A 120 -10.58 -11.61 -19.38
C ILE A 120 -9.33 -12.13 -20.09
N ALA A 121 -8.85 -13.30 -19.68
CA ALA A 121 -7.68 -13.92 -20.29
C ALA A 121 -8.09 -15.32 -20.74
N LYS A 122 -8.48 -15.44 -22.01
CA LYS A 122 -9.15 -16.63 -22.52
C LYS A 122 -8.23 -17.55 -23.34
N ASP A 123 -6.94 -17.28 -23.37
CA ASP A 123 -6.03 -18.04 -24.21
C ASP A 123 -5.34 -19.18 -23.47
N TYR A 124 -5.71 -19.43 -22.21
CA TYR A 124 -5.10 -20.49 -21.42
C TYR A 124 -6.00 -20.74 -20.21
N GLU A 125 -5.62 -21.74 -19.42
CA GLU A 125 -6.38 -22.15 -18.25
C GLU A 125 -5.57 -21.87 -16.99
N VAL A 126 -6.26 -21.49 -15.92
CA VAL A 126 -5.62 -21.09 -14.67
C VAL A 126 -6.39 -21.66 -13.49
N GLY A 127 -5.66 -22.14 -12.48
CA GLY A 127 -6.27 -22.69 -11.28
C GLY A 127 -6.68 -21.62 -10.29
N PHE A 128 -6.49 -21.90 -9.00
CA PHE A 128 -6.86 -20.98 -7.92
C PHE A 128 -5.66 -20.50 -7.12
N ASP A 129 -4.81 -21.41 -6.66
CA ASP A 129 -3.67 -21.01 -5.84
C ASP A 129 -2.75 -20.08 -6.60
N SER A 130 -2.66 -20.22 -7.92
CA SER A 130 -1.86 -19.28 -8.70
C SER A 130 -2.44 -17.87 -8.65
N VAL A 131 -3.76 -17.76 -8.77
CA VAL A 131 -4.40 -16.44 -8.66
C VAL A 131 -4.17 -15.84 -7.28
N VAL A 132 -4.30 -16.66 -6.25
CA VAL A 132 -4.03 -16.18 -4.90
C VAL A 132 -2.60 -15.69 -4.78
N THR A 133 -1.64 -16.43 -5.35
CA THR A 133 -0.24 -16.05 -5.26
C THR A 133 0.02 -14.71 -5.96
N VAL A 134 -0.55 -14.53 -7.15
CA VAL A 134 -0.31 -13.29 -7.88
C VAL A 134 -0.94 -12.11 -7.14
N LEU A 135 -2.17 -12.27 -6.66
CA LEU A 135 -2.80 -11.18 -5.92
C LEU A 135 -2.02 -10.87 -4.65
N ALA A 136 -1.50 -11.89 -3.97
CA ALA A 136 -0.72 -11.66 -2.77
C ALA A 136 0.56 -10.89 -3.08
N TYR A 137 1.22 -11.24 -4.19
CA TYR A 137 2.40 -10.46 -4.58
C TYR A 137 2.04 -9.01 -4.84
N VAL A 138 0.94 -8.78 -5.54
CA VAL A 138 0.55 -7.40 -5.85
C VAL A 138 0.29 -6.64 -4.56
N TYR A 139 -0.46 -7.24 -3.64
CA TYR A 139 -0.84 -6.54 -2.42
C TYR A 139 0.37 -6.27 -1.53
N SER A 140 1.18 -7.30 -1.26
CA SER A 140 2.15 -7.23 -0.17
C SER A 140 3.59 -7.30 -0.66
N SER A 141 3.83 -7.13 -1.95
CA SER A 141 5.18 -6.99 -2.49
C SER A 141 6.08 -8.17 -2.11
N ARG A 142 5.52 -9.37 -2.14
CA ARG A 142 6.28 -10.60 -1.90
C ARG A 142 5.39 -11.78 -2.26
N VAL A 143 6.04 -12.90 -2.58
CA VAL A 143 5.37 -14.05 -3.17
C VAL A 143 5.08 -15.09 -2.09
N ARG A 144 3.86 -15.63 -2.11
CA ARG A 144 3.42 -16.60 -1.12
C ARG A 144 3.56 -18.01 -1.68
N PRO A 145 4.30 -18.89 -1.01
CA PRO A 145 4.45 -20.25 -1.55
C PRO A 145 3.12 -20.96 -1.58
N PRO A 146 2.94 -21.89 -2.52
CA PRO A 146 1.65 -22.56 -2.67
C PRO A 146 1.37 -23.48 -1.50
N PRO A 147 0.10 -23.81 -1.25
CA PRO A 147 -0.21 -24.73 -0.15
C PRO A 147 0.33 -26.11 -0.42
N LYS A 148 0.71 -26.79 0.67
CA LYS A 148 1.37 -28.08 0.58
C LYS A 148 0.51 -29.11 -0.14
N GLY A 149 0.95 -29.55 -1.31
CA GLY A 149 0.26 -30.58 -2.06
C GLY A 149 -0.12 -30.21 -3.48
N VAL A 150 0.13 -28.99 -3.94
CA VAL A 150 -0.24 -28.59 -5.28
C VAL A 150 0.94 -28.58 -6.25
N SER A 151 2.14 -28.27 -5.78
CA SER A 151 3.34 -28.32 -6.60
C SER A 151 4.12 -29.61 -6.38
N GLU A 152 3.40 -30.71 -6.16
CA GLU A 152 4.02 -32.01 -5.89
C GLU A 152 3.24 -33.08 -6.62
N CYS A 153 3.94 -34.14 -7.02
CA CYS A 153 3.30 -35.26 -7.70
C CYS A 153 2.82 -36.27 -6.65
N ALA A 154 2.36 -37.44 -7.11
CA ALA A 154 1.87 -38.48 -6.20
C ALA A 154 2.93 -39.52 -5.88
N ASP A 155 4.15 -39.36 -6.39
CA ASP A 155 5.23 -40.27 -6.05
C ASP A 155 5.90 -39.82 -4.76
N GLU A 156 6.30 -40.80 -3.95
CA GLU A 156 7.02 -40.51 -2.71
C GLU A 156 8.50 -40.79 -2.85
N ASN A 157 9.00 -40.92 -4.08
CA ASN A 157 10.41 -41.05 -4.36
C ASN A 157 10.95 -39.91 -5.22
N CYS A 158 10.08 -39.20 -5.94
CA CYS A 158 10.47 -38.04 -6.72
C CYS A 158 11.08 -36.97 -5.82
N CYS A 159 11.87 -36.08 -6.44
CA CYS A 159 12.45 -34.95 -5.72
C CYS A 159 11.65 -33.67 -5.89
N HIS A 160 10.63 -33.67 -6.74
CA HIS A 160 9.64 -32.61 -6.81
C HIS A 160 10.24 -31.29 -7.29
N VAL A 161 11.01 -31.35 -8.37
CA VAL A 161 11.57 -30.13 -8.94
C VAL A 161 11.20 -30.01 -10.41
N ALA A 162 10.90 -31.13 -11.05
CA ALA A 162 10.62 -31.11 -12.48
C ALA A 162 9.43 -31.97 -12.88
N CYS A 163 8.73 -32.58 -11.92
CA CYS A 163 7.55 -33.35 -12.26
C CYS A 163 6.44 -32.43 -12.76
N ARG A 164 5.35 -33.04 -13.22
CA ARG A 164 4.35 -32.31 -13.98
C ARG A 164 3.68 -31.18 -13.21
N PRO A 165 3.16 -31.38 -11.99
CA PRO A 165 2.50 -30.26 -11.30
C PRO A 165 3.43 -29.09 -11.01
N ALA A 166 4.71 -29.36 -10.74
CA ALA A 166 5.66 -28.29 -10.50
C ALA A 166 5.75 -27.36 -11.70
N VAL A 167 5.83 -27.93 -12.90
CA VAL A 167 5.88 -27.13 -14.11
C VAL A 167 4.56 -26.44 -14.36
N ASP A 168 3.45 -27.14 -14.13
CA ASP A 168 2.13 -26.56 -14.39
C ASP A 168 1.90 -25.31 -13.56
N PHE A 169 2.27 -25.36 -12.28
CA PHE A 169 2.09 -24.20 -11.40
C PHE A 169 2.86 -22.98 -11.94
N MET A 170 4.12 -23.17 -12.29
CA MET A 170 4.93 -22.07 -12.81
C MET A 170 4.34 -21.53 -14.10
N LEU A 171 3.87 -22.40 -14.97
CA LEU A 171 3.31 -21.93 -16.23
C LEU A 171 2.06 -21.08 -15.99
N GLU A 172 1.21 -21.52 -15.06
CA GLU A 172 0.00 -20.75 -14.76
C GLU A 172 0.35 -19.38 -14.21
N VAL A 173 1.30 -19.31 -13.28
CA VAL A 173 1.62 -18.01 -12.70
C VAL A 173 2.31 -17.12 -13.72
N LEU A 174 3.13 -17.69 -14.61
CA LEU A 174 3.76 -16.88 -15.65
C LEU A 174 2.73 -16.30 -16.60
N TYR A 175 1.72 -17.09 -16.98
CA TYR A 175 0.66 -16.56 -17.84
C TYR A 175 -0.09 -15.44 -17.16
N LEU A 176 -0.44 -15.61 -15.88
CA LEU A 176 -1.18 -14.56 -15.18
C LEU A 176 -0.36 -13.29 -15.09
N ALA A 177 0.94 -13.42 -14.81
CA ALA A 177 1.78 -12.23 -14.75
C ALA A 177 1.90 -11.55 -16.10
N PHE A 178 1.99 -12.32 -17.19
CA PHE A 178 2.06 -11.71 -18.50
C PHE A 178 0.80 -10.93 -18.82
N ILE A 179 -0.36 -11.53 -18.54
CA ILE A 179 -1.60 -10.85 -18.90
C ILE A 179 -1.90 -9.69 -17.97
N PHE A 180 -1.38 -9.70 -16.74
CA PHE A 180 -1.58 -8.59 -15.82
C PHE A 180 -0.51 -7.51 -15.95
N LYS A 181 0.50 -7.70 -16.78
CA LYS A 181 1.58 -6.74 -17.01
C LYS A 181 2.33 -6.40 -15.71
N ILE A 182 3.01 -7.42 -15.19
CA ILE A 182 3.79 -7.28 -13.97
C ILE A 182 5.22 -7.72 -14.26
N PRO A 183 6.07 -6.82 -14.76
CA PRO A 183 7.35 -7.25 -15.36
C PRO A 183 8.28 -8.03 -14.44
N GLU A 184 8.39 -7.66 -13.17
CA GLU A 184 9.40 -8.32 -12.35
C GLU A 184 8.99 -9.75 -12.02
N LEU A 185 7.69 -10.00 -11.85
CA LEU A 185 7.22 -11.36 -11.67
C LEU A 185 7.48 -12.19 -12.92
N ILE A 186 7.34 -11.56 -14.09
CA ILE A 186 7.73 -12.21 -15.35
C ILE A 186 9.18 -12.63 -15.29
N THR A 187 10.07 -11.71 -14.91
CA THR A 187 11.48 -12.03 -14.89
C THR A 187 11.77 -13.18 -13.94
N LEU A 188 11.18 -13.14 -12.74
CA LEU A 188 11.45 -14.17 -11.74
C LEU A 188 11.02 -15.55 -12.22
N TYR A 189 9.76 -15.68 -12.65
CA TYR A 189 9.29 -17.01 -13.02
C TYR A 189 9.87 -17.48 -14.35
N GLN A 190 10.16 -16.55 -15.26
CA GLN A 190 10.88 -16.92 -16.47
C GLN A 190 12.23 -17.49 -16.13
N ARG A 191 12.95 -16.90 -15.17
CA ARG A 191 14.24 -17.45 -14.79
C ARG A 191 14.08 -18.83 -14.16
N HIS A 192 13.04 -19.01 -13.34
CA HIS A 192 12.75 -20.33 -12.79
C HIS A 192 12.65 -21.37 -13.91
N LEU A 193 11.72 -21.16 -14.84
CA LEU A 193 11.53 -22.12 -15.91
C LEU A 193 12.78 -22.26 -16.78
N LEU A 194 13.50 -21.16 -16.98
CA LEU A 194 14.67 -21.19 -17.85
C LEU A 194 15.77 -22.09 -17.28
N ASP A 195 16.00 -22.01 -15.97
CA ASP A 195 17.02 -22.89 -15.43
C ASP A 195 16.50 -24.29 -15.16
N VAL A 196 15.18 -24.51 -15.16
CA VAL A 196 14.67 -25.87 -15.01
C VAL A 196 14.54 -26.62 -16.33
N VAL A 197 14.39 -25.91 -17.45
CA VAL A 197 13.93 -26.55 -18.69
C VAL A 197 14.84 -27.68 -19.16
N ASP A 198 16.12 -27.63 -18.80
CA ASP A 198 17.08 -28.58 -19.33
C ASP A 198 17.12 -29.86 -18.49
N LYS A 199 16.02 -30.18 -17.79
CA LYS A 199 15.91 -31.41 -17.03
C LYS A 199 14.58 -32.12 -17.18
N VAL A 200 13.61 -31.53 -17.85
CA VAL A 200 12.25 -32.05 -17.93
C VAL A 200 12.10 -32.84 -19.22
N VAL A 201 11.33 -33.92 -19.16
CA VAL A 201 11.10 -34.76 -20.34
C VAL A 201 10.39 -33.94 -21.41
N ILE A 202 10.64 -34.33 -22.67
CA ILE A 202 10.22 -33.52 -23.83
C ILE A 202 8.71 -33.37 -23.89
N GLU A 203 7.96 -34.37 -23.43
CA GLU A 203 6.51 -34.31 -23.50
C GLU A 203 5.94 -33.13 -22.71
N ASP A 204 6.67 -32.62 -21.73
CA ASP A 204 6.29 -31.38 -21.06
C ASP A 204 6.95 -30.16 -21.69
N THR A 205 8.11 -30.36 -22.31
CA THR A 205 8.73 -29.28 -23.06
C THR A 205 7.82 -28.79 -24.16
N LEU A 206 6.97 -29.67 -24.70
CA LEU A 206 6.03 -29.25 -25.73
C LEU A 206 5.03 -28.23 -25.20
N VAL A 207 4.45 -28.47 -24.03
CA VAL A 207 3.48 -27.51 -23.50
C VAL A 207 4.19 -26.24 -23.02
N ILE A 208 5.42 -26.38 -22.50
CA ILE A 208 6.20 -25.20 -22.15
C ILE A 208 6.37 -24.31 -23.38
N LEU A 209 6.74 -24.91 -24.51
CA LEU A 209 6.92 -24.14 -25.74
C LEU A 209 5.60 -23.55 -26.22
N LYS A 210 4.51 -24.30 -26.10
CA LYS A 210 3.22 -23.79 -26.53
C LYS A 210 2.88 -22.50 -25.78
N LEU A 211 2.98 -22.52 -24.45
CA LEU A 211 2.68 -21.29 -23.71
C LEU A 211 3.68 -20.19 -24.04
N ALA A 212 4.96 -20.53 -24.16
CA ALA A 212 5.95 -19.50 -24.47
C ALA A 212 5.62 -18.80 -25.79
N ASN A 213 5.17 -19.56 -26.78
CA ASN A 213 4.75 -18.93 -28.03
C ASN A 213 3.47 -18.12 -27.84
N ILE A 214 2.61 -18.50 -26.89
CA ILE A 214 1.46 -17.65 -26.59
C ILE A 214 1.92 -16.30 -26.08
N CYS A 215 2.87 -16.30 -25.15
CA CYS A 215 3.42 -15.05 -24.64
C CYS A 215 4.27 -14.36 -25.71
N GLY A 216 4.26 -13.03 -25.67
CA GLY A 216 4.97 -12.24 -26.67
C GLY A 216 6.48 -12.30 -26.52
N LYS A 217 7.17 -11.24 -26.96
CA LYS A 217 8.62 -11.20 -26.87
C LYS A 217 9.13 -11.07 -25.45
N ALA A 218 8.22 -11.03 -24.46
CA ALA A 218 8.66 -11.00 -23.07
C ALA A 218 9.41 -12.27 -22.69
N CYS A 219 9.06 -13.39 -23.32
CA CYS A 219 9.63 -14.70 -23.00
C CYS A 219 10.52 -15.23 -24.11
N MET A 220 11.31 -14.35 -24.74
CA MET A 220 12.15 -14.79 -25.85
C MET A 220 13.27 -15.70 -25.36
N LYS A 221 13.85 -15.40 -24.19
CA LYS A 221 14.93 -16.23 -23.66
C LYS A 221 14.44 -17.63 -23.31
N LEU A 222 13.14 -17.81 -23.12
CA LEU A 222 12.56 -19.13 -22.97
C LEU A 222 12.16 -19.73 -24.31
N LEU A 223 11.64 -18.91 -25.21
CA LEU A 223 11.16 -19.41 -26.50
C LEU A 223 12.30 -20.00 -27.32
N ASP A 224 13.39 -19.27 -27.46
CA ASP A 224 14.51 -19.77 -28.27
C ASP A 224 15.14 -21.00 -27.62
N ARG A 225 15.32 -20.98 -26.30
CA ARG A 225 15.88 -22.13 -25.61
C ARG A 225 15.04 -23.38 -25.84
N CYS A 226 13.73 -23.27 -25.57
CA CYS A 226 12.86 -24.42 -25.68
C CYS A 226 12.75 -24.90 -27.12
N LYS A 227 12.72 -23.96 -28.06
CA LYS A 227 12.67 -24.33 -29.47
C LYS A 227 13.93 -25.08 -29.88
N GLU A 228 15.10 -24.65 -29.41
CA GLU A 228 16.33 -25.38 -29.74
C GLU A 228 16.31 -26.78 -29.14
N ILE A 229 15.87 -26.91 -27.89
CA ILE A 229 15.79 -28.23 -27.27
C ILE A 229 14.88 -29.15 -28.06
N ILE A 230 13.73 -28.64 -28.52
CA ILE A 230 12.83 -29.46 -29.31
C ILE A 230 13.47 -29.86 -30.63
N VAL A 231 14.07 -28.91 -31.34
CA VAL A 231 14.59 -29.18 -32.67
C VAL A 231 15.73 -30.19 -32.63
N LYS A 232 16.64 -30.05 -31.67
CA LYS A 232 17.77 -30.97 -31.63
C LYS A 232 17.33 -32.41 -31.38
N SER A 233 16.10 -32.62 -30.92
CA SER A 233 15.64 -33.92 -30.47
C SER A 233 15.28 -34.81 -31.66
N ASN A 234 14.62 -35.93 -31.38
CA ASN A 234 14.18 -36.87 -32.40
C ASN A 234 12.68 -37.10 -32.35
N VAL A 235 11.91 -36.18 -31.75
CA VAL A 235 10.47 -36.27 -31.75
C VAL A 235 9.96 -36.39 -33.18
N ASP A 236 8.95 -37.22 -33.39
CA ASP A 236 8.44 -37.41 -34.74
C ASP A 236 7.69 -36.17 -35.19
N MET A 237 7.62 -35.99 -36.52
CA MET A 237 6.99 -34.80 -37.08
C MET A 237 5.47 -34.82 -36.94
N VAL A 238 4.86 -36.01 -36.90
CA VAL A 238 3.41 -36.09 -36.79
C VAL A 238 2.93 -35.49 -35.48
N SER A 239 3.63 -35.79 -34.39
CA SER A 239 3.26 -35.21 -33.09
C SER A 239 3.34 -33.68 -33.12
N LEU A 240 4.42 -33.14 -33.69
CA LEU A 240 4.55 -31.70 -33.79
C LEU A 240 3.41 -31.11 -34.61
N GLU A 241 3.08 -31.76 -35.73
CA GLU A 241 1.97 -31.27 -36.55
C GLU A 241 0.66 -31.30 -35.79
N LYS A 242 0.47 -32.29 -34.93
CA LYS A 242 -0.80 -32.48 -34.23
C LYS A 242 -0.89 -31.70 -32.93
N SER A 243 0.19 -31.07 -32.46
CA SER A 243 0.10 -30.40 -31.17
C SER A 243 0.67 -28.99 -31.19
N LEU A 244 0.67 -28.32 -32.33
CA LEU A 244 1.23 -26.98 -32.42
C LEU A 244 0.58 -26.24 -33.59
N PRO A 245 0.57 -24.91 -33.57
CA PRO A 245 0.12 -24.15 -34.74
C PRO A 245 1.10 -24.26 -35.89
N GLU A 246 0.61 -23.97 -37.09
CA GLU A 246 1.40 -24.18 -38.29
C GLU A 246 2.50 -23.14 -38.45
N GLU A 247 2.25 -21.90 -38.03
CA GLU A 247 3.23 -20.83 -38.19
C GLU A 247 4.49 -21.06 -37.38
N LEU A 248 4.52 -22.13 -36.58
CA LEU A 248 5.69 -22.52 -35.80
C LEU A 248 6.37 -23.75 -36.37
N VAL A 249 5.60 -24.76 -36.77
CA VAL A 249 6.21 -25.94 -37.40
C VAL A 249 6.84 -25.56 -38.73
N LYS A 250 6.31 -24.53 -39.40
CA LYS A 250 6.93 -24.06 -40.64
C LYS A 250 8.33 -23.53 -40.41
N GLU A 251 8.69 -23.21 -39.16
CA GLU A 251 10.05 -22.82 -38.80
C GLU A 251 10.84 -23.96 -38.17
N ILE A 252 10.15 -24.86 -37.46
CA ILE A 252 10.82 -26.03 -36.92
C ILE A 252 11.39 -26.90 -38.04
N ILE A 253 10.76 -26.88 -39.21
CA ILE A 253 11.34 -27.62 -40.34
C ILE A 253 12.68 -27.02 -40.74
N ASP A 254 12.76 -25.69 -40.79
CA ASP A 254 13.99 -25.07 -41.28
C ASP A 254 15.09 -25.08 -40.22
N ARG A 255 14.73 -25.16 -38.94
CA ARG A 255 15.79 -25.28 -37.93
C ARG A 255 16.60 -26.55 -38.12
N ARG A 256 15.99 -27.62 -38.65
CA ARG A 256 16.73 -28.82 -39.01
C ARG A 256 17.29 -28.77 -40.42
N LYS A 257 16.64 -28.05 -41.34
CA LYS A 257 17.14 -27.96 -42.71
C LYS A 257 18.21 -26.88 -42.90
N GLU A 258 18.57 -26.17 -41.85
CA GLU A 258 19.53 -25.08 -41.94
C GLU A 258 20.70 -25.24 -40.98
N LEU A 259 20.52 -25.90 -39.84
CA LEU A 259 21.61 -26.22 -38.95
C LEU A 259 22.34 -27.50 -39.36
N GLY A 260 22.20 -27.90 -40.62
CA GLY A 260 23.02 -28.95 -41.21
C GLY A 260 22.27 -30.17 -41.69
N LEU A 261 21.32 -30.66 -40.89
CA LEU A 261 20.76 -31.98 -41.19
C LEU A 261 19.79 -31.91 -42.35
N GLU A 262 19.41 -33.11 -42.82
CA GLU A 262 18.32 -33.30 -43.79
C GLU A 262 17.42 -34.37 -43.18
N VAL A 263 16.55 -33.97 -42.27
CA VAL A 263 15.67 -34.91 -41.60
C VAL A 263 14.40 -35.20 -42.39
N PRO A 264 13.66 -34.17 -42.91
CA PRO A 264 12.30 -34.43 -43.44
C PRO A 264 12.16 -35.64 -44.35
N LYS A 265 11.37 -36.60 -43.91
CA LYS A 265 10.97 -37.73 -44.73
C LYS A 265 9.74 -37.33 -45.56
N VAL A 266 9.07 -38.33 -46.13
CA VAL A 266 7.82 -38.12 -46.85
C VAL A 266 6.74 -38.92 -46.15
N LYS A 267 6.56 -40.18 -46.54
CA LYS A 267 5.69 -41.12 -45.85
C LYS A 267 4.23 -40.67 -45.91
N LYS A 268 3.79 -40.24 -47.10
CA LYS A 268 2.40 -39.89 -47.30
C LYS A 268 1.48 -41.09 -47.24
N HIS A 269 2.02 -42.30 -47.38
CA HIS A 269 1.18 -43.50 -47.40
C HIS A 269 0.48 -43.70 -46.06
N VAL A 270 1.21 -43.55 -44.95
CA VAL A 270 0.62 -43.74 -43.64
C VAL A 270 -0.24 -42.57 -43.22
N SER A 271 -0.12 -41.42 -43.90
CA SER A 271 -0.93 -40.26 -43.57
C SER A 271 -2.41 -40.53 -43.81
N ASN A 272 -2.73 -41.30 -44.85
CA ASN A 272 -4.11 -41.66 -45.09
C ASN A 272 -4.68 -42.48 -43.95
N VAL A 273 -3.90 -43.46 -43.46
CA VAL A 273 -4.32 -44.24 -42.31
C VAL A 273 -4.56 -43.34 -41.12
N HIS A 274 -3.63 -42.40 -40.89
CA HIS A 274 -3.75 -41.49 -39.74
C HIS A 274 -5.02 -40.66 -39.83
N LYS A 275 -5.23 -40.00 -40.97
CA LYS A 275 -6.38 -39.11 -41.12
C LYS A 275 -7.70 -39.87 -41.18
N ALA A 276 -7.67 -41.16 -41.53
CA ALA A 276 -8.87 -41.97 -41.39
C ALA A 276 -9.14 -42.32 -39.94
N LEU A 277 -8.09 -42.70 -39.20
CA LEU A 277 -8.29 -43.19 -37.84
C LEU A 277 -8.69 -42.07 -36.89
N ASP A 278 -8.09 -40.88 -37.04
CA ASP A 278 -8.38 -39.81 -36.09
C ASP A 278 -9.79 -39.26 -36.24
N SER A 279 -10.52 -39.67 -37.27
CA SER A 279 -11.87 -39.17 -37.55
C SER A 279 -12.93 -40.12 -37.03
N ASP A 280 -12.67 -40.74 -35.88
CA ASP A 280 -13.60 -41.63 -35.16
C ASP A 280 -14.32 -42.61 -36.08
N ASP A 281 -13.58 -43.18 -37.03
CA ASP A 281 -14.13 -44.14 -37.97
C ASP A 281 -13.45 -45.50 -37.79
N ILE A 282 -14.17 -46.55 -38.18
CA ILE A 282 -13.60 -47.90 -38.19
C ILE A 282 -13.80 -48.55 -39.55
N GLU A 283 -14.87 -48.18 -40.26
CA GLU A 283 -15.09 -48.77 -41.57
C GLU A 283 -14.03 -48.31 -42.56
N LEU A 284 -13.65 -47.02 -42.51
CA LEU A 284 -12.62 -46.52 -43.42
C LEU A 284 -11.27 -47.19 -43.18
N VAL A 285 -10.85 -47.26 -41.90
CA VAL A 285 -9.55 -47.87 -41.62
C VAL A 285 -9.58 -49.35 -41.95
N LYS A 286 -10.69 -50.04 -41.68
CA LYS A 286 -10.77 -51.46 -42.00
C LYS A 286 -10.71 -51.68 -43.50
N LEU A 287 -11.42 -50.87 -44.28
CA LEU A 287 -11.40 -51.02 -45.74
C LEU A 287 -10.02 -50.69 -46.30
N LEU A 288 -9.37 -49.66 -45.76
CA LEU A 288 -8.06 -49.27 -46.28
C LEU A 288 -6.98 -50.25 -45.88
N LEU A 289 -7.11 -50.88 -44.71
CA LEU A 289 -6.14 -51.86 -44.25
C LEU A 289 -6.45 -53.26 -44.73
N LYS A 290 -7.61 -53.49 -45.34
CA LYS A 290 -7.93 -54.76 -45.96
C LYS A 290 -7.68 -54.76 -47.47
N GLU A 291 -7.17 -53.66 -48.01
CA GLU A 291 -6.90 -53.55 -49.44
C GLU A 291 -5.41 -53.54 -49.74
N ASP A 292 -4.65 -52.64 -49.13
CA ASP A 292 -3.20 -52.62 -49.32
C ASP A 292 -2.48 -53.64 -48.45
N HIS A 293 -3.12 -54.10 -47.37
CA HIS A 293 -2.52 -55.04 -46.43
C HIS A 293 -1.19 -54.52 -45.87
N THR A 294 -1.16 -53.22 -45.57
CA THR A 294 0.05 -52.60 -45.06
C THR A 294 0.20 -52.88 -43.56
N ASN A 295 1.44 -53.10 -43.13
CA ASN A 295 1.73 -53.40 -41.74
C ASN A 295 1.27 -52.26 -40.84
N LEU A 296 0.36 -52.59 -39.91
CA LEU A 296 -0.10 -51.60 -38.94
C LEU A 296 1.00 -51.17 -37.99
N ASP A 297 1.96 -52.04 -37.70
CA ASP A 297 3.01 -51.72 -36.75
C ASP A 297 4.03 -50.73 -37.32
N ASP A 298 4.02 -50.52 -38.64
CA ASP A 298 4.92 -49.52 -39.22
C ASP A 298 4.47 -48.11 -38.87
N ALA A 299 3.18 -47.85 -38.94
CA ALA A 299 2.63 -46.53 -38.64
C ALA A 299 2.37 -46.32 -37.16
N CYS A 300 2.49 -47.34 -36.34
CA CYS A 300 2.25 -47.26 -34.90
C CYS A 300 0.88 -46.64 -34.63
N ALA A 301 -0.16 -47.34 -35.08
CA ALA A 301 -1.52 -46.81 -35.01
C ALA A 301 -2.08 -46.88 -33.59
N LEU A 302 -1.69 -47.88 -32.80
CA LEU A 302 -2.17 -47.96 -31.43
C LEU A 302 -1.73 -46.75 -30.64
N HIS A 303 -0.49 -46.31 -30.83
CA HIS A 303 0.00 -45.12 -30.14
C HIS A 303 -0.82 -43.90 -30.50
N PHE A 304 -1.11 -43.72 -31.79
CA PHE A 304 -1.92 -42.59 -32.23
C PHE A 304 -3.32 -42.64 -31.62
N ALA A 305 -3.95 -43.81 -31.63
CA ALA A 305 -5.28 -43.94 -31.07
C ALA A 305 -5.29 -43.62 -29.58
N VAL A 306 -4.29 -44.11 -28.84
CA VAL A 306 -4.26 -43.82 -27.41
C VAL A 306 -4.01 -42.34 -27.16
N ALA A 307 -3.11 -41.73 -27.93
CA ALA A 307 -2.69 -40.36 -27.63
C ALA A 307 -3.72 -39.33 -28.08
N TYR A 308 -4.00 -39.26 -29.38
CA TYR A 308 -4.78 -38.17 -29.94
C TYR A 308 -6.13 -38.64 -30.48
N CYS A 309 -6.77 -39.57 -29.79
CA CYS A 309 -8.07 -40.07 -30.23
C CYS A 309 -8.94 -40.31 -29.00
N ASN A 310 -10.25 -40.33 -29.23
CA ASN A 310 -11.21 -40.47 -28.15
C ASN A 310 -11.23 -41.90 -27.63
N VAL A 311 -11.91 -42.09 -26.49
CA VAL A 311 -12.02 -43.41 -25.90
C VAL A 311 -12.86 -44.35 -26.74
N LYS A 312 -13.70 -43.83 -27.63
CA LYS A 312 -14.52 -44.70 -28.48
C LYS A 312 -13.66 -45.46 -29.47
N THR A 313 -12.76 -44.76 -30.18
CA THR A 313 -11.86 -45.42 -31.10
C THR A 313 -10.95 -46.39 -30.38
N ALA A 314 -10.47 -46.02 -29.20
CA ALA A 314 -9.68 -46.96 -28.41
C ALA A 314 -10.49 -48.21 -28.09
N THR A 315 -11.76 -48.02 -27.69
CA THR A 315 -12.59 -49.16 -27.33
C THR A 315 -12.82 -50.09 -28.51
N ASP A 316 -13.04 -49.54 -29.70
CA ASP A 316 -13.32 -50.38 -30.85
C ASP A 316 -12.06 -50.78 -31.62
N LEU A 317 -10.89 -50.34 -31.21
CA LEU A 317 -9.64 -50.78 -31.82
C LEU A 317 -8.86 -51.75 -30.96
N LEU A 318 -8.84 -51.57 -29.63
CA LEU A 318 -8.11 -52.50 -28.78
C LEU A 318 -8.74 -53.89 -28.78
N LYS A 319 -10.07 -53.96 -28.87
CA LYS A 319 -10.72 -55.26 -29.04
C LYS A 319 -10.25 -55.93 -30.32
N LEU A 320 -10.11 -55.14 -31.39
CA LEU A 320 -9.60 -55.63 -32.67
C LEU A 320 -8.11 -55.96 -32.50
N ASP A 321 -7.79 -57.24 -32.36
CA ASP A 321 -6.43 -57.68 -32.06
C ASP A 321 -5.77 -58.16 -33.35
N LEU A 322 -5.05 -57.26 -34.00
CA LEU A 322 -4.29 -57.59 -35.21
C LEU A 322 -2.85 -57.12 -35.21
N ALA A 323 -2.40 -56.38 -34.20
CA ALA A 323 -1.02 -55.92 -34.17
C ALA A 323 -0.46 -56.06 -32.75
N ASP A 324 0.86 -56.01 -32.67
CA ASP A 324 1.54 -56.16 -31.39
C ASP A 324 1.21 -54.98 -30.47
N VAL A 325 1.25 -55.26 -29.16
CA VAL A 325 1.05 -54.23 -28.16
C VAL A 325 2.37 -53.73 -27.57
N ASN A 326 3.43 -54.53 -27.63
CA ASN A 326 4.70 -54.20 -26.99
C ASN A 326 5.71 -53.59 -27.96
N HIS A 327 5.25 -52.79 -28.92
CA HIS A 327 6.12 -52.16 -29.89
C HIS A 327 6.14 -50.65 -29.63
N ARG A 328 7.29 -50.03 -29.89
CA ARG A 328 7.54 -48.66 -29.49
C ARG A 328 7.90 -47.78 -30.69
N ASN A 329 7.38 -46.55 -30.68
CA ASN A 329 7.67 -45.57 -31.70
C ASN A 329 9.13 -45.14 -31.61
N PRO A 330 9.62 -44.34 -32.56
CA PRO A 330 11.02 -43.90 -32.47
C PRO A 330 11.36 -43.13 -31.20
N ARG A 331 10.37 -42.51 -30.55
CA ARG A 331 10.63 -41.91 -29.25
C ARG A 331 11.06 -42.96 -28.24
N GLY A 332 10.34 -44.09 -28.20
CA GLY A 332 10.73 -45.19 -27.34
C GLY A 332 9.69 -45.57 -26.30
N TYR A 333 8.43 -45.25 -26.55
CA TYR A 333 7.34 -45.56 -25.62
C TYR A 333 6.52 -46.74 -26.13
N THR A 334 6.17 -47.65 -25.23
CA THR A 334 5.21 -48.69 -25.59
C THR A 334 3.80 -48.11 -25.58
N VAL A 335 2.84 -48.94 -26.02
CA VAL A 335 1.45 -48.50 -25.98
C VAL A 335 1.00 -48.30 -24.54
N LEU A 336 1.46 -49.16 -23.63
CA LEU A 336 1.07 -49.03 -22.24
C LEU A 336 1.61 -47.75 -21.62
N HIS A 337 2.82 -47.34 -22.02
CA HIS A 337 3.40 -46.12 -21.47
C HIS A 337 2.55 -44.90 -21.81
N VAL A 338 2.21 -44.72 -23.08
CA VAL A 338 1.39 -43.59 -23.46
C VAL A 338 0.00 -43.72 -22.86
N ALA A 339 -0.52 -44.95 -22.73
CA ALA A 339 -1.81 -45.13 -22.08
C ALA A 339 -1.78 -44.64 -20.64
N ALA A 340 -0.70 -44.94 -19.92
CA ALA A 340 -0.55 -44.45 -18.55
C ALA A 340 -0.44 -42.94 -18.54
N MET A 341 0.34 -42.37 -19.46
CA MET A 341 0.51 -40.93 -19.52
C MET A 341 -0.76 -40.19 -19.91
N ARG A 342 -1.74 -40.91 -20.47
CA ARG A 342 -2.92 -40.28 -21.05
C ARG A 342 -4.00 -39.95 -20.02
N LYS A 343 -3.96 -40.54 -18.83
CA LYS A 343 -5.07 -40.47 -17.86
C LYS A 343 -6.33 -41.13 -18.41
N GLU A 344 -6.21 -42.41 -18.78
CA GLU A 344 -7.36 -43.18 -19.27
C GLU A 344 -7.36 -44.53 -18.57
N PRO A 345 -7.88 -44.59 -17.34
CA PRO A 345 -7.81 -45.84 -16.58
C PRO A 345 -8.51 -47.01 -17.26
N GLN A 346 -9.64 -46.75 -17.94
CA GLN A 346 -10.34 -47.82 -18.63
C GLN A 346 -9.49 -48.40 -19.75
N LEU A 347 -8.79 -47.54 -20.50
CA LEU A 347 -7.89 -48.04 -21.53
C LEU A 347 -6.76 -48.84 -20.93
N ILE A 348 -6.30 -48.46 -19.73
CA ILE A 348 -5.21 -49.20 -19.11
C ILE A 348 -5.69 -50.58 -18.67
N LEU A 349 -6.91 -50.68 -18.13
CA LEU A 349 -7.40 -52.01 -17.79
C LEU A 349 -7.68 -52.84 -19.03
N SER A 350 -8.08 -52.20 -20.13
CA SER A 350 -8.23 -52.91 -21.38
C SER A 350 -6.90 -53.46 -21.86
N LEU A 351 -5.83 -52.66 -21.75
CA LEU A 351 -4.50 -53.12 -22.14
C LEU A 351 -4.05 -54.27 -21.26
N LEU A 352 -4.23 -54.13 -19.95
CA LEU A 352 -3.86 -55.20 -19.02
C LEU A 352 -4.63 -56.47 -19.32
N GLU A 353 -5.84 -56.34 -19.86
CA GLU A 353 -6.56 -57.51 -20.36
C GLU A 353 -5.79 -58.18 -21.49
N LYS A 354 -5.23 -57.39 -22.41
CA LYS A 354 -4.57 -57.94 -23.58
C LYS A 354 -3.14 -58.39 -23.31
N GLY A 355 -2.60 -58.11 -22.13
CA GLY A 355 -1.29 -58.63 -21.79
C GLY A 355 -0.12 -57.77 -22.24
N ALA A 356 -0.07 -56.52 -21.78
CA ALA A 356 1.06 -55.64 -22.03
C ALA A 356 1.98 -55.68 -20.81
N SER A 357 3.27 -55.91 -21.05
CA SER A 357 4.21 -56.07 -19.95
C SER A 357 4.51 -54.73 -19.30
N ALA A 358 4.28 -54.65 -17.99
CA ALA A 358 4.53 -53.44 -17.23
C ALA A 358 5.91 -53.42 -16.60
N SER A 359 6.72 -54.45 -16.85
CA SER A 359 8.03 -54.58 -16.22
C SER A 359 9.17 -54.06 -17.08
N GLU A 360 8.87 -53.47 -18.23
CA GLU A 360 9.89 -52.98 -19.16
C GLU A 360 9.91 -51.46 -19.13
N ALA A 361 11.11 -50.90 -19.23
CA ALA A 361 11.32 -49.48 -19.00
C ALA A 361 11.74 -48.78 -20.29
N THR A 362 11.32 -47.53 -20.40
CA THR A 362 11.58 -46.73 -21.59
C THR A 362 13.06 -46.38 -21.70
N LEU A 363 13.41 -45.65 -22.76
CA LEU A 363 14.78 -45.19 -22.94
C LEU A 363 15.14 -44.07 -21.97
N GLU A 364 14.17 -43.54 -21.23
CA GLU A 364 14.46 -42.65 -20.11
C GLU A 364 14.52 -43.39 -18.78
N GLY A 365 14.26 -44.70 -18.77
CA GLY A 365 14.33 -45.50 -17.56
C GLY A 365 13.13 -45.32 -16.66
N ARG A 366 11.93 -45.65 -17.14
CA ARG A 366 10.72 -45.49 -16.35
C ARG A 366 9.69 -46.55 -16.74
N THR A 367 8.99 -47.09 -15.73
CA THR A 367 7.92 -48.05 -15.96
C THR A 367 6.61 -47.29 -16.15
N ALA A 368 5.50 -48.02 -16.29
CA ALA A 368 4.22 -47.35 -16.45
C ALA A 368 3.69 -46.82 -15.11
N LEU A 369 3.99 -47.52 -14.02
CA LEU A 369 3.57 -47.07 -12.70
C LEU A 369 4.08 -45.67 -12.41
N MET A 370 5.37 -45.43 -12.62
CA MET A 370 5.94 -44.15 -12.24
C MET A 370 5.46 -43.03 -13.16
N ILE A 371 5.21 -43.34 -14.44
CA ILE A 371 4.54 -42.37 -15.29
C ILE A 371 3.20 -41.98 -14.69
N ALA A 372 2.40 -42.98 -14.32
CA ALA A 372 1.07 -42.71 -13.79
C ALA A 372 1.13 -41.91 -12.50
N LYS A 373 2.09 -42.23 -11.64
CA LYS A 373 2.20 -41.53 -10.36
C LYS A 373 2.68 -40.09 -10.57
N GLN A 374 3.82 -39.92 -11.24
CA GLN A 374 4.38 -38.59 -11.42
C GLN A 374 3.48 -37.70 -12.27
N ALA A 375 2.53 -38.27 -12.99
CA ALA A 375 1.72 -37.45 -13.88
C ALA A 375 0.51 -36.84 -13.19
N THR A 376 0.26 -37.18 -11.93
CA THR A 376 -0.81 -36.57 -11.16
C THR A 376 -0.24 -35.79 -9.98
N MET A 377 -1.12 -35.26 -9.14
CA MET A 377 -0.72 -34.47 -7.98
C MET A 377 -1.36 -35.01 -6.71
N ALA A 378 -0.70 -34.78 -5.58
CA ALA A 378 -1.08 -35.39 -4.31
C ALA A 378 -2.19 -34.60 -3.61
N VAL A 379 -3.34 -34.52 -4.28
CA VAL A 379 -4.53 -33.90 -3.71
C VAL A 379 -5.77 -34.71 -4.04
N LYS A 389 -12.58 -34.56 -3.28
CA LYS A 389 -13.01 -33.18 -3.44
C LYS A 389 -12.50 -32.59 -4.75
N HIS A 390 -12.09 -33.46 -5.66
CA HIS A 390 -11.54 -33.06 -6.94
C HIS A 390 -11.60 -34.27 -7.89
N SER A 391 -10.92 -34.17 -9.02
CA SER A 391 -10.89 -35.24 -10.00
C SER A 391 -10.09 -36.42 -9.48
N LEU A 392 -10.79 -37.39 -8.86
CA LEU A 392 -10.11 -38.53 -8.25
C LEU A 392 -9.41 -39.42 -9.27
N LYS A 393 -9.78 -39.33 -10.55
CA LYS A 393 -9.41 -40.33 -11.53
C LYS A 393 -7.90 -40.50 -11.68
N GLY A 394 -7.12 -39.49 -11.29
CA GLY A 394 -5.66 -39.66 -11.33
C GLY A 394 -5.18 -40.74 -10.40
N ARG A 395 -5.71 -40.75 -9.17
CA ARG A 395 -5.33 -41.75 -8.17
C ARG A 395 -6.09 -43.07 -8.34
N LEU A 396 -7.02 -43.16 -9.31
CA LEU A 396 -7.59 -44.45 -9.66
C LEU A 396 -6.64 -45.27 -10.52
N CYS A 397 -5.83 -44.62 -11.36
CA CYS A 397 -4.96 -45.34 -12.27
C CYS A 397 -3.78 -45.98 -11.53
N VAL A 398 -3.18 -45.25 -10.58
CA VAL A 398 -1.96 -45.72 -9.94
C VAL A 398 -2.20 -47.06 -9.26
N GLU A 399 -3.35 -47.23 -8.60
CA GLU A 399 -3.65 -48.49 -7.96
C GLU A 399 -3.74 -49.62 -8.97
N ILE A 400 -4.38 -49.37 -10.12
CA ILE A 400 -4.61 -50.42 -11.11
C ILE A 400 -3.29 -51.03 -11.57
N LEU A 401 -2.27 -50.20 -11.73
CA LEU A 401 -0.99 -50.67 -12.23
C LEU A 401 -0.02 -51.08 -11.13
N GLU A 402 -0.40 -50.92 -9.86
CA GLU A 402 0.57 -51.09 -8.78
C GLU A 402 0.63 -52.52 -8.26
N GLN A 403 -0.51 -53.08 -7.88
CA GLN A 403 -0.58 -54.34 -7.16
C GLN A 403 -0.29 -55.55 -8.04
N GLU A 404 0.22 -55.41 -9.25
CA GLU A 404 0.46 -56.57 -10.12
C GLU A 404 1.68 -57.37 -9.69
N ASP A 405 2.26 -57.13 -8.52
CA ASP A 405 3.41 -57.88 -8.04
C ASP A 405 3.10 -59.36 -7.86
N GLY B 43 19.73 -5.60 -4.18
CA GLY B 43 18.63 -5.74 -3.23
C GLY B 43 17.28 -5.95 -3.90
N PRO B 44 17.01 -7.18 -4.32
CA PRO B 44 15.71 -7.47 -4.94
C PRO B 44 14.53 -7.21 -4.00
N ASP B 45 14.71 -7.43 -2.70
CA ASP B 45 13.60 -7.29 -1.76
C ASP B 45 13.17 -5.82 -1.62
N VAL B 46 14.14 -4.92 -1.45
CA VAL B 46 13.82 -3.53 -1.17
C VAL B 46 13.17 -2.85 -2.38
N SER B 47 13.58 -3.22 -3.59
CA SER B 47 13.08 -2.54 -4.78
C SER B 47 11.57 -2.76 -4.95
N ALA B 48 11.09 -3.96 -4.66
CA ALA B 48 9.66 -4.22 -4.75
C ALA B 48 8.89 -3.38 -3.72
N LEU B 49 9.45 -3.22 -2.53
CA LEU B 49 8.84 -2.35 -1.53
C LEU B 49 8.79 -0.91 -2.03
N GLN B 50 9.87 -0.46 -2.67
CA GLN B 50 9.87 0.86 -3.27
C GLN B 50 8.76 0.98 -4.30
N LEU B 51 8.58 -0.05 -5.12
CA LEU B 51 7.54 -0.01 -6.15
C LEU B 51 6.15 0.10 -5.53
N LEU B 52 5.91 -0.65 -4.46
CA LEU B 52 4.62 -0.55 -3.78
C LEU B 52 4.40 0.87 -3.23
N SER B 53 5.44 1.43 -2.61
CA SER B 53 5.32 2.77 -2.04
C SER B 53 5.02 3.80 -3.12
N ASN B 54 5.73 3.72 -4.26
CA ASN B 54 5.49 4.66 -5.34
C ASN B 54 4.09 4.49 -5.92
N SER B 55 3.62 3.26 -6.04
CA SER B 55 2.29 3.03 -6.57
C SER B 55 1.23 3.69 -5.68
N PHE B 56 1.35 3.51 -4.36
CA PHE B 56 0.35 4.10 -3.49
C PHE B 56 0.51 5.61 -3.38
N GLU B 57 1.73 6.12 -3.54
CA GLU B 57 1.90 7.56 -3.60
C GLU B 57 1.20 8.14 -4.82
N SER B 58 1.30 7.45 -5.96
CA SER B 58 0.53 7.84 -7.13
C SER B 58 -0.97 7.71 -6.90
N VAL B 59 -1.38 6.78 -6.04
CA VAL B 59 -2.78 6.71 -5.65
C VAL B 59 -3.21 7.99 -4.94
N PHE B 60 -2.39 8.45 -3.99
CA PHE B 60 -2.74 9.62 -3.21
C PHE B 60 -2.70 10.89 -4.06
N ASP B 61 -1.67 11.03 -4.90
CA ASP B 61 -1.50 12.26 -5.66
C ASP B 61 -2.73 12.57 -6.50
N SER B 62 -3.20 11.60 -7.27
CA SER B 62 -4.40 11.78 -8.07
C SER B 62 -5.51 10.94 -7.49
N PRO B 63 -6.22 11.43 -6.46
CA PRO B 63 -7.21 10.60 -5.79
C PRO B 63 -8.55 10.56 -6.49
N ASP B 64 -8.86 11.52 -7.36
CA ASP B 64 -10.15 11.50 -8.03
C ASP B 64 -10.27 10.30 -8.96
N ASP B 65 -9.19 9.94 -9.64
CA ASP B 65 -9.24 8.91 -10.67
C ASP B 65 -9.31 7.50 -10.10
N PHE B 66 -8.74 7.25 -8.92
CA PHE B 66 -8.54 5.90 -8.42
C PHE B 66 -9.63 5.48 -7.45
N TYR B 67 -10.87 5.91 -7.69
CA TYR B 67 -12.04 5.43 -6.97
C TYR B 67 -11.97 5.78 -5.48
N SER B 68 -11.64 7.03 -5.20
CA SER B 68 -11.65 7.51 -3.82
C SER B 68 -13.09 7.61 -3.33
N ASP B 69 -13.28 7.32 -2.04
CA ASP B 69 -14.61 7.22 -1.46
C ASP B 69 -14.90 8.34 -0.48
N ALA B 70 -14.10 8.51 0.56
CA ALA B 70 -14.47 9.36 1.67
C ALA B 70 -13.68 10.67 1.64
N LYS B 71 -14.12 11.60 2.49
CA LYS B 71 -13.55 12.94 2.53
C LYS B 71 -13.40 13.40 3.96
N LEU B 72 -12.24 14.00 4.27
CA LEU B 72 -12.03 14.71 5.53
C LEU B 72 -12.30 16.19 5.30
N VAL B 73 -13.24 16.74 6.06
CA VAL B 73 -13.58 18.16 5.94
C VAL B 73 -12.92 18.92 7.08
N LEU B 74 -12.16 19.95 6.73
CA LEU B 74 -11.31 20.65 7.67
C LEU B 74 -12.11 21.70 8.43
N SER B 75 -11.41 22.59 9.13
CA SER B 75 -12.07 23.66 9.88
C SER B 75 -12.70 24.69 8.96
N ASP B 76 -11.89 25.30 8.08
CA ASP B 76 -12.40 26.35 7.22
C ASP B 76 -13.38 25.80 6.18
N GLY B 77 -13.14 24.57 5.70
CA GLY B 77 -14.08 23.96 4.79
C GLY B 77 -13.48 23.16 3.66
N ARG B 78 -12.15 23.13 3.56
CA ARG B 78 -11.50 22.34 2.53
C ARG B 78 -11.73 20.86 2.77
N GLU B 79 -11.90 20.10 1.68
CA GLU B 79 -12.09 18.66 1.77
C GLU B 79 -10.92 17.95 1.12
N VAL B 80 -10.40 16.93 1.82
CA VAL B 80 -9.31 16.09 1.30
C VAL B 80 -9.87 14.70 1.08
N SER B 81 -9.71 14.19 -0.15
CA SER B 81 -10.22 12.88 -0.49
C SER B 81 -9.29 11.78 -0.02
N PHE B 82 -9.88 10.64 0.36
CA PHE B 82 -9.09 9.48 0.74
C PHE B 82 -9.94 8.22 0.56
N HIS B 83 -9.26 7.08 0.60
CA HIS B 83 -9.85 5.77 0.42
C HIS B 83 -9.98 5.06 1.75
N ARG B 84 -11.15 4.49 2.02
CA ARG B 84 -11.43 3.90 3.32
C ARG B 84 -10.44 2.79 3.66
N CYS B 85 -9.99 2.03 2.68
CA CYS B 85 -9.20 0.84 2.95
C CYS B 85 -7.90 1.18 3.68
N VAL B 86 -7.12 2.11 3.12
CA VAL B 86 -5.78 2.33 3.62
C VAL B 86 -5.80 2.98 5.00
N LEU B 87 -6.67 3.97 5.20
CA LEU B 87 -6.74 4.59 6.53
C LEU B 87 -7.45 3.71 7.54
N SER B 88 -8.27 2.77 7.09
CA SER B 88 -8.78 1.77 8.01
C SER B 88 -7.68 0.84 8.48
N ALA B 89 -6.78 0.46 7.57
CA ALA B 89 -5.73 -0.49 7.90
C ALA B 89 -4.58 0.14 8.68
N ARG B 90 -4.26 1.41 8.42
CA ARG B 90 -3.06 2.01 8.95
C ARG B 90 -3.22 2.59 10.36
N SER B 91 -4.44 2.60 10.90
CA SER B 91 -4.64 3.17 12.23
C SER B 91 -5.91 2.59 12.83
N SER B 92 -5.92 2.46 14.16
CA SER B 92 -7.10 1.99 14.85
C SER B 92 -8.17 3.05 14.94
N PHE B 93 -7.77 4.32 15.05
CA PHE B 93 -8.73 5.39 15.25
C PHE B 93 -9.68 5.51 14.07
N PHE B 94 -9.12 5.61 12.86
CA PHE B 94 -9.95 5.70 11.67
C PHE B 94 -10.78 4.43 11.49
N LYS B 95 -10.24 3.28 11.90
CA LYS B 95 -11.01 2.04 11.87
C LYS B 95 -12.29 2.19 12.67
N SER B 96 -12.17 2.62 13.92
CA SER B 96 -13.35 2.79 14.76
C SER B 96 -14.27 3.86 14.21
N ALA B 97 -13.71 4.97 13.72
CA ALA B 97 -14.52 6.07 13.24
C ALA B 97 -15.37 5.66 12.04
N LEU B 98 -14.74 5.03 11.04
CA LEU B 98 -15.48 4.62 9.86
C LEU B 98 -16.50 3.54 10.20
N ALA B 99 -16.10 2.57 11.04
CA ALA B 99 -17.04 1.53 11.42
C ALA B 99 -18.27 2.10 12.09
N ALA B 100 -18.08 3.08 12.99
CA ALA B 100 -19.22 3.69 13.65
C ALA B 100 -20.07 4.48 12.65
N ALA B 101 -19.44 5.26 11.78
CA ALA B 101 -20.18 6.16 10.91
C ALA B 101 -20.86 5.45 9.75
N LYS B 102 -20.56 4.16 9.52
CA LYS B 102 -21.15 3.45 8.38
C LYS B 102 -22.68 3.42 8.45
N LYS B 103 -23.24 2.78 9.47
CA LYS B 103 -24.65 2.42 9.45
C LYS B 103 -25.57 3.61 9.70
N GLU B 104 -25.09 4.65 10.38
CA GLU B 104 -25.98 5.75 10.77
C GLU B 104 -26.50 6.57 9.58
N LYS B 105 -26.22 6.18 8.35
CA LYS B 105 -26.61 6.93 7.16
C LYS B 105 -26.53 6.01 5.96
N ASP B 106 -27.33 6.31 4.94
CA ASP B 106 -27.30 5.59 3.68
C ASP B 106 -26.92 6.56 2.56
N SER B 107 -26.03 6.14 1.68
CA SER B 107 -25.55 6.99 0.60
C SER B 107 -26.03 6.57 -0.78
N ASN B 108 -26.33 5.28 -0.98
CA ASN B 108 -26.81 4.77 -2.26
C ASN B 108 -25.84 5.08 -3.40
N ASN B 109 -24.55 5.08 -3.09
CA ASN B 109 -23.49 5.28 -4.07
C ASN B 109 -23.54 6.66 -4.71
N THR B 110 -24.45 7.52 -4.25
CA THR B 110 -24.53 8.90 -4.71
C THR B 110 -23.96 9.87 -3.68
N ALA B 111 -23.33 9.37 -2.63
CA ALA B 111 -22.77 10.21 -1.58
C ALA B 111 -21.62 9.48 -0.91
N ALA B 112 -20.75 10.25 -0.30
CA ALA B 112 -19.59 9.75 0.43
C ALA B 112 -19.90 9.70 1.92
N VAL B 113 -18.88 9.44 2.73
CA VAL B 113 -18.95 9.63 4.17
C VAL B 113 -17.91 10.69 4.53
N LYS B 114 -18.31 11.69 5.29
CA LYS B 114 -17.47 12.83 5.61
C LYS B 114 -17.05 12.78 7.07
N LEU B 115 -15.76 12.98 7.31
CA LEU B 115 -15.24 13.02 8.67
C LEU B 115 -14.85 14.46 9.00
N GLU B 116 -15.45 15.01 10.05
CA GLU B 116 -15.29 16.42 10.40
C GLU B 116 -14.16 16.55 11.40
N LEU B 117 -12.98 16.96 10.94
CA LEU B 117 -11.84 17.11 11.83
C LEU B 117 -12.07 18.16 12.91
N LYS B 118 -13.04 19.05 12.71
CA LYS B 118 -13.42 19.98 13.76
C LYS B 118 -14.25 19.29 14.85
N GLU B 119 -14.90 18.19 14.50
CA GLU B 119 -15.75 17.46 15.43
C GLU B 119 -15.10 16.17 15.93
N ILE B 120 -13.83 15.96 15.63
CA ILE B 120 -13.12 14.76 16.06
C ILE B 120 -11.91 15.13 16.92
N ALA B 121 -10.95 15.85 16.32
CA ALA B 121 -9.78 16.33 17.06
C ALA B 121 -10.17 17.62 17.77
N LYS B 122 -10.88 17.46 18.89
CA LYS B 122 -11.56 18.59 19.52
C LYS B 122 -10.61 19.54 20.24
N ASP B 123 -9.55 19.02 20.87
CA ASP B 123 -8.81 19.76 21.87
C ASP B 123 -7.67 20.58 21.31
N TYR B 124 -7.72 20.95 20.03
CA TYR B 124 -6.70 21.80 19.43
C TYR B 124 -7.17 22.13 18.02
N GLU B 125 -6.51 23.11 17.39
CA GLU B 125 -6.88 23.51 16.04
C GLU B 125 -5.70 23.29 15.11
N VAL B 126 -6.01 22.89 13.87
CA VAL B 126 -5.01 22.44 12.92
C VAL B 126 -5.29 23.07 11.56
N GLY B 127 -4.25 23.14 10.74
CA GLY B 127 -4.36 23.74 9.42
C GLY B 127 -4.65 22.75 8.31
N PHE B 128 -3.99 22.92 7.17
CA PHE B 128 -4.19 22.11 5.98
C PHE B 128 -2.95 21.34 5.56
N ASP B 129 -1.79 22.00 5.52
CA ASP B 129 -0.59 21.34 5.05
C ASP B 129 -0.13 20.26 6.02
N SER B 130 -0.39 20.43 7.31
CA SER B 130 -0.10 19.35 8.26
C SER B 130 -0.96 18.13 8.00
N VAL B 131 -2.25 18.33 7.70
CA VAL B 131 -3.12 17.22 7.34
C VAL B 131 -2.59 16.52 6.10
N VAL B 132 -2.17 17.29 5.10
CA VAL B 132 -1.59 16.70 3.90
C VAL B 132 -0.35 15.89 4.25
N THR B 133 0.50 16.42 5.12
CA THR B 133 1.72 15.71 5.52
C THR B 133 1.40 14.38 6.20
N VAL B 134 0.43 14.38 7.12
CA VAL B 134 0.12 13.16 7.85
C VAL B 134 -0.48 12.12 6.92
N LEU B 135 -1.42 12.53 6.07
CA LEU B 135 -2.01 11.57 5.14
C LEU B 135 -0.98 11.05 4.15
N ALA B 136 -0.05 11.91 3.73
CA ALA B 136 1.01 11.46 2.83
C ALA B 136 1.92 10.45 3.51
N TYR B 137 2.20 10.64 4.79
CA TYR B 137 2.96 9.62 5.51
C TYR B 137 2.19 8.31 5.57
N VAL B 138 0.88 8.38 5.81
CA VAL B 138 0.08 7.16 5.87
C VAL B 138 0.13 6.43 4.53
N TYR B 139 -0.04 7.16 3.44
CA TYR B 139 -0.08 6.52 2.13
C TYR B 139 1.30 6.03 1.70
N SER B 140 2.25 6.95 1.54
CA SER B 140 3.50 6.68 0.86
C SER B 140 4.65 6.36 1.80
N SER B 141 4.39 6.17 3.09
CA SER B 141 5.39 5.72 4.05
C SER B 141 6.60 6.64 4.14
N ARG B 142 6.48 7.89 3.71
CA ARG B 142 7.56 8.85 3.88
C ARG B 142 6.96 10.23 4.08
N VAL B 143 7.71 11.07 4.78
CA VAL B 143 7.23 12.41 5.13
C VAL B 143 7.39 13.35 3.94
N ARG B 144 6.46 14.27 3.81
CA ARG B 144 6.49 15.25 2.72
C ARG B 144 6.87 16.62 3.28
N PRO B 145 7.94 17.22 2.78
CA PRO B 145 8.33 18.54 3.29
C PRO B 145 7.22 19.55 3.09
N PRO B 146 7.10 20.51 4.00
CA PRO B 146 6.02 21.49 3.89
C PRO B 146 6.19 22.37 2.67
N PRO B 147 5.12 22.97 2.17
CA PRO B 147 5.22 23.79 0.96
C PRO B 147 5.93 25.11 1.23
N LYS B 148 6.27 25.80 0.15
CA LYS B 148 7.04 27.02 0.25
C LYS B 148 6.26 28.10 1.01
N GLY B 149 7.00 28.90 1.78
CA GLY B 149 6.42 30.02 2.49
C GLY B 149 5.39 29.63 3.53
N VAL B 150 5.69 28.62 4.34
CA VAL B 150 4.80 28.23 5.43
C VAL B 150 5.55 28.28 6.75
N SER B 151 6.62 27.50 6.86
CA SER B 151 7.46 27.52 8.07
C SER B 151 8.62 28.51 7.94
N GLU B 152 8.30 29.73 7.52
CA GLU B 152 9.26 30.81 7.38
C GLU B 152 8.52 32.10 7.70
N CYS B 153 9.07 32.94 8.57
CA CYS B 153 8.18 33.96 9.12
C CYS B 153 8.20 35.30 8.38
N ALA B 154 9.20 36.16 8.63
CA ALA B 154 9.35 37.36 7.81
C ALA B 154 10.77 37.91 7.76
N ASP B 155 11.55 37.66 8.81
CA ASP B 155 12.78 38.39 9.04
C ASP B 155 13.82 38.08 7.96
N GLU B 156 14.82 38.97 7.86
CA GLU B 156 15.90 38.79 6.91
C GLU B 156 16.70 37.54 7.22
N ASN B 157 17.33 37.50 8.40
CA ASN B 157 18.22 36.41 8.78
C ASN B 157 17.68 35.59 9.93
N CYS B 158 16.35 35.44 10.01
CA CYS B 158 15.78 34.46 10.92
C CYS B 158 15.89 33.10 10.24
N CYS B 159 16.80 32.27 10.75
CA CYS B 159 17.09 30.97 10.13
C CYS B 159 15.84 30.12 9.96
N HIS B 160 14.73 30.47 10.61
CA HIS B 160 13.49 29.72 10.57
C HIS B 160 13.71 28.30 11.12
N VAL B 161 14.16 28.26 12.37
CA VAL B 161 14.27 27.02 13.13
C VAL B 161 13.42 27.06 14.39
N ALA B 162 13.40 28.20 15.09
CA ALA B 162 12.73 28.31 16.36
C ALA B 162 11.57 29.31 16.38
N CYS B 163 11.42 30.12 15.33
CA CYS B 163 10.38 31.13 15.32
C CYS B 163 8.99 30.48 15.30
N ARG B 164 7.97 31.32 15.48
CA ARG B 164 6.62 30.82 15.74
C ARG B 164 6.04 29.91 14.66
N PRO B 165 6.16 30.23 13.35
CA PRO B 165 5.48 29.39 12.35
C PRO B 165 6.02 27.97 12.27
N ALA B 166 7.34 27.81 12.28
CA ALA B 166 7.89 26.47 12.28
C ALA B 166 7.41 25.68 13.49
N VAL B 167 7.43 26.33 14.66
CA VAL B 167 7.06 25.64 15.89
C VAL B 167 5.61 25.20 15.83
N ASP B 168 4.69 26.09 15.49
CA ASP B 168 3.30 25.65 15.57
C ASP B 168 2.92 24.72 14.41
N PHE B 169 3.67 24.75 13.30
CA PHE B 169 3.52 23.69 12.31
C PHE B 169 3.87 22.33 12.92
N MET B 170 5.01 22.26 13.62
CA MET B 170 5.39 21.02 14.28
C MET B 170 4.35 20.61 15.30
N LEU B 171 3.81 21.57 16.05
CA LEU B 171 2.80 21.25 17.05
C LEU B 171 1.54 20.68 16.41
N GLU B 172 1.09 21.28 15.30
CA GLU B 172 -0.10 20.78 14.63
C GLU B 172 0.11 19.35 14.14
N VAL B 173 1.25 19.09 13.50
CA VAL B 173 1.45 17.75 12.98
C VAL B 173 1.62 16.73 14.11
N LEU B 174 2.26 17.13 15.22
CA LEU B 174 2.41 16.23 16.35
C LEU B 174 1.05 15.89 16.97
N TYR B 175 0.17 16.88 17.11
CA TYR B 175 -1.15 16.58 17.65
C TYR B 175 -1.94 15.67 16.73
N LEU B 176 -1.87 15.92 15.42
CA LEU B 176 -2.59 15.05 14.49
C LEU B 176 -2.07 13.62 14.56
N ALA B 177 -0.75 13.45 14.63
CA ALA B 177 -0.19 12.12 14.72
C ALA B 177 -0.58 11.44 16.04
N PHE B 178 -0.59 12.19 17.14
CA PHE B 178 -0.99 11.60 18.41
C PHE B 178 -2.42 11.09 18.34
N ILE B 179 -3.34 11.95 17.90
CA ILE B 179 -4.75 11.56 17.92
C ILE B 179 -5.01 10.45 16.90
N PHE B 180 -4.25 10.40 15.82
CA PHE B 180 -4.45 9.38 14.81
C PHE B 180 -3.69 8.08 15.08
N LYS B 181 -2.92 8.02 16.18
CA LYS B 181 -2.24 6.79 16.62
C LYS B 181 -1.24 6.28 15.58
N ILE B 182 -0.20 7.08 15.37
CA ILE B 182 0.96 6.68 14.60
C ILE B 182 2.20 6.86 15.46
N PRO B 183 2.65 5.82 16.16
CA PRO B 183 3.73 6.00 17.15
C PRO B 183 5.04 6.50 16.59
N GLU B 184 5.43 6.06 15.39
CA GLU B 184 6.74 6.44 14.87
C GLU B 184 6.78 7.93 14.53
N LEU B 185 5.68 8.47 14.01
CA LEU B 185 5.63 9.90 13.74
C LEU B 185 5.65 10.69 15.04
N ILE B 186 5.06 10.15 16.11
CA ILE B 186 5.21 10.77 17.43
C ILE B 186 6.67 10.84 17.82
N THR B 187 7.38 9.72 17.71
CA THR B 187 8.79 9.70 18.07
C THR B 187 9.56 10.75 17.29
N LEU B 188 9.34 10.81 15.98
CA LEU B 188 10.10 11.73 15.14
C LEU B 188 9.83 13.18 15.52
N TYR B 189 8.56 13.58 15.58
CA TYR B 189 8.28 14.99 15.78
C TYR B 189 8.50 15.43 17.23
N GLN B 190 8.26 14.54 18.19
CA GLN B 190 8.66 14.83 19.56
C GLN B 190 10.17 15.03 19.65
N ARG B 191 10.94 14.23 18.88
CA ARG B 191 12.38 14.46 18.85
C ARG B 191 12.72 15.83 18.29
N HIS B 192 12.04 16.23 17.22
CA HIS B 192 12.27 17.56 16.65
C HIS B 192 12.02 18.66 17.67
N LEU B 193 10.85 18.63 18.32
CA LEU B 193 10.52 19.67 19.29
C LEU B 193 11.49 19.66 20.46
N LEU B 194 11.80 18.48 20.98
CA LEU B 194 12.73 18.37 22.10
C LEU B 194 14.10 18.88 21.74
N ASP B 195 14.49 18.76 20.47
CA ASP B 195 15.79 19.28 20.04
C ASP B 195 15.76 20.80 19.94
N VAL B 196 14.66 21.36 19.45
CA VAL B 196 14.63 22.81 19.23
C VAL B 196 14.33 23.60 20.49
N VAL B 197 13.75 22.97 21.52
CA VAL B 197 13.12 23.68 22.64
C VAL B 197 14.03 24.69 23.34
N ASP B 198 15.34 24.53 23.23
CA ASP B 198 16.23 25.41 23.99
C ASP B 198 16.21 26.84 23.45
N LYS B 199 16.18 27.00 22.12
CA LYS B 199 16.34 28.33 21.53
C LYS B 199 15.08 29.17 21.64
N VAL B 200 13.91 28.56 21.68
CA VAL B 200 12.67 29.30 21.56
C VAL B 200 12.49 30.22 22.76
N VAL B 201 11.74 31.30 22.55
CA VAL B 201 11.43 32.24 23.62
C VAL B 201 10.42 31.61 24.57
N ILE B 202 10.44 32.06 25.82
CA ILE B 202 9.62 31.43 26.87
C ILE B 202 8.14 31.53 26.54
N GLU B 203 7.70 32.70 26.07
CA GLU B 203 6.28 32.89 25.78
C GLU B 203 5.76 31.98 24.66
N ASP B 204 6.61 31.18 24.04
CA ASP B 204 6.20 30.07 23.19
C ASP B 204 6.50 28.71 23.80
N THR B 205 7.49 28.64 24.68
CA THR B 205 7.65 27.44 25.48
C THR B 205 6.38 27.16 26.27
N LEU B 206 5.63 28.20 26.61
CA LEU B 206 4.37 28.03 27.31
C LEU B 206 3.36 27.25 26.47
N VAL B 207 3.22 27.60 25.18
CA VAL B 207 2.25 26.88 24.36
C VAL B 207 2.75 25.47 24.04
N ILE B 208 4.08 25.30 23.93
CA ILE B 208 4.63 23.95 23.78
C ILE B 208 4.23 23.10 24.98
N LEU B 209 4.40 23.63 26.19
CA LEU B 209 4.04 22.91 27.39
C LEU B 209 2.54 22.60 27.43
N LYS B 210 1.73 23.58 27.04
CA LYS B 210 0.28 23.36 27.06
C LYS B 210 -0.10 22.18 26.17
N LEU B 211 0.42 22.17 24.93
CA LEU B 211 0.07 21.06 24.05
C LEU B 211 0.63 19.74 24.56
N ALA B 212 1.85 19.75 25.10
CA ALA B 212 2.41 18.52 25.64
C ALA B 212 1.52 17.94 26.72
N ASN B 213 0.98 18.80 27.59
CA ASN B 213 0.03 18.31 28.59
C ASN B 213 -1.26 17.83 27.94
N ILE B 214 -1.65 18.41 26.81
CA ILE B 214 -2.84 17.92 26.10
C ILE B 214 -2.68 16.46 25.71
N CYS B 215 -1.46 16.04 25.39
CA CYS B 215 -1.21 14.67 24.99
C CYS B 215 -1.28 13.77 26.22
N GLY B 216 -0.90 12.50 26.04
CA GLY B 216 -0.86 11.57 27.14
C GLY B 216 0.55 11.26 27.58
N LYS B 217 0.81 10.00 27.91
CA LYS B 217 2.16 9.59 28.25
C LYS B 217 3.09 9.55 27.05
N ALA B 218 2.54 9.71 25.84
CA ALA B 218 3.36 9.64 24.63
C ALA B 218 4.40 10.75 24.59
N CYS B 219 4.12 11.89 25.20
CA CYS B 219 4.99 13.05 25.19
C CYS B 219 5.59 13.31 26.56
N MET B 220 5.93 12.25 27.29
CA MET B 220 6.37 12.40 28.67
C MET B 220 7.72 13.13 28.74
N LYS B 221 8.64 12.78 27.85
CA LYS B 221 9.96 13.43 27.86
C LYS B 221 9.82 14.91 27.57
N LEU B 222 9.02 15.27 26.56
CA LEU B 222 8.82 16.67 26.24
C LEU B 222 8.15 17.40 27.40
N LEU B 223 7.14 16.80 28.01
CA LEU B 223 6.46 17.43 29.13
C LEU B 223 7.43 17.74 30.26
N ASP B 224 8.23 16.75 30.67
CA ASP B 224 9.12 16.97 31.80
C ASP B 224 10.20 17.99 31.47
N ARG B 225 10.80 17.91 30.27
CA ARG B 225 11.83 18.88 29.91
C ARG B 225 11.26 20.30 29.89
N CYS B 226 10.09 20.47 29.26
CA CYS B 226 9.49 21.79 29.16
C CYS B 226 9.11 22.33 30.55
N LYS B 227 8.60 21.45 31.41
CA LYS B 227 8.25 21.86 32.77
C LYS B 227 9.48 22.39 33.50
N GLU B 228 10.59 21.64 33.45
CA GLU B 228 11.76 22.12 34.17
C GLU B 228 12.37 23.35 33.51
N ILE B 229 12.11 23.58 32.22
CA ILE B 229 12.52 24.84 31.61
C ILE B 229 11.73 26.01 32.20
N ILE B 230 10.41 25.86 32.30
CA ILE B 230 9.60 26.97 32.81
C ILE B 230 9.89 27.25 34.28
N VAL B 231 10.13 26.20 35.09
CA VAL B 231 10.21 26.39 36.53
C VAL B 231 11.33 27.36 36.89
N LYS B 232 12.53 27.16 36.32
CA LYS B 232 13.68 27.98 36.72
C LYS B 232 13.59 29.41 36.22
N SER B 233 12.63 29.72 35.36
CA SER B 233 12.48 31.07 34.84
C SER B 233 11.77 31.94 35.87
N ASN B 234 11.34 33.13 35.46
CA ASN B 234 10.70 34.09 36.35
C ASN B 234 9.39 34.57 35.77
N VAL B 235 8.59 33.64 35.27
CA VAL B 235 7.24 33.97 34.79
C VAL B 235 6.35 34.18 35.99
N ASP B 236 5.63 35.31 36.01
CA ASP B 236 4.90 35.73 37.19
C ASP B 236 3.76 34.75 37.52
N MET B 237 3.14 34.97 38.68
CA MET B 237 2.02 34.15 39.13
C MET B 237 0.84 34.27 38.18
N VAL B 238 0.41 35.50 37.90
CA VAL B 238 -0.78 35.73 37.09
C VAL B 238 -0.55 35.23 35.68
N SER B 239 0.66 35.37 35.16
CA SER B 239 0.95 34.93 33.80
C SER B 239 0.72 33.45 33.63
N LEU B 240 1.18 32.64 34.59
CA LEU B 240 0.89 31.21 34.55
C LEU B 240 -0.58 30.93 34.79
N GLU B 241 -1.18 31.63 35.75
CA GLU B 241 -2.56 31.32 36.11
C GLU B 241 -3.53 31.60 34.98
N LYS B 242 -3.24 32.59 34.13
CA LYS B 242 -4.17 32.97 33.08
C LYS B 242 -4.18 32.00 31.91
N SER B 243 -3.04 31.40 31.58
CA SER B 243 -2.91 30.65 30.33
C SER B 243 -2.40 29.25 30.57
N LEU B 244 -2.78 28.63 31.69
CA LEU B 244 -2.41 27.24 31.97
C LEU B 244 -3.51 26.61 32.80
N PRO B 245 -3.69 25.29 32.71
CA PRO B 245 -4.73 24.63 33.51
C PRO B 245 -4.40 24.69 34.99
N GLU B 246 -5.46 24.63 35.81
CA GLU B 246 -5.30 24.81 37.25
C GLU B 246 -4.42 23.73 37.88
N GLU B 247 -4.64 22.47 37.48
CA GLU B 247 -3.82 21.38 38.02
C GLU B 247 -2.34 21.64 37.79
N LEU B 248 -1.99 22.04 36.58
CA LEU B 248 -0.58 22.26 36.26
C LEU B 248 -0.02 23.49 36.96
N VAL B 249 -0.81 24.56 37.11
CA VAL B 249 -0.26 25.72 37.80
C VAL B 249 -0.04 25.38 39.27
N LYS B 250 -0.89 24.55 39.86
CA LYS B 250 -0.59 24.04 41.19
C LYS B 250 0.73 23.26 41.18
N GLU B 251 0.89 22.37 40.20
CA GLU B 251 2.06 21.51 40.16
C GLU B 251 3.34 22.30 40.02
N ILE B 252 3.27 23.50 39.44
CA ILE B 252 4.47 24.32 39.30
C ILE B 252 4.65 25.31 40.45
N ILE B 253 3.56 25.81 41.04
CA ILE B 253 3.69 26.78 42.13
C ILE B 253 4.10 26.11 43.44
N ASP B 254 3.75 24.85 43.64
CA ASP B 254 4.39 24.14 44.75
C ASP B 254 5.79 23.63 44.42
N ARG B 255 6.24 23.78 43.18
CA ARG B 255 7.62 23.47 42.81
C ARG B 255 8.53 24.68 42.91
N ARG B 256 7.98 25.88 42.78
CA ARG B 256 8.78 27.09 42.87
C ARG B 256 9.63 27.11 44.13
N LYS B 257 9.08 26.65 45.25
CA LYS B 257 9.76 26.67 46.54
C LYS B 257 10.39 25.33 46.89
N GLU B 258 10.94 24.64 45.90
CA GLU B 258 11.58 23.35 46.14
C GLU B 258 13.06 23.34 45.81
N LEU B 259 13.51 24.20 44.89
CA LEU B 259 14.93 24.42 44.67
C LEU B 259 15.56 25.28 45.75
N GLY B 260 14.85 25.54 46.84
CA GLY B 260 15.29 26.56 47.78
C GLY B 260 15.07 27.97 47.31
N LEU B 261 14.33 28.14 46.21
CA LEU B 261 14.12 29.45 45.57
C LEU B 261 12.81 30.00 46.09
N GLU B 262 12.90 30.84 47.13
CA GLU B 262 11.71 31.30 47.86
C GLU B 262 11.01 32.41 47.09
N VAL B 263 10.03 32.04 46.27
CA VAL B 263 9.16 33.00 45.60
C VAL B 263 7.69 32.61 45.75
N PRO B 264 7.10 32.75 46.94
CA PRO B 264 5.67 32.42 47.10
C PRO B 264 4.74 33.37 46.37
N LYS B 265 3.44 33.13 46.52
CA LYS B 265 2.39 34.00 45.96
C LYS B 265 1.95 34.97 47.04
N VAL B 266 2.35 36.23 46.90
CA VAL B 266 2.10 37.27 47.88
C VAL B 266 1.46 38.46 47.16
N LYS B 267 1.18 39.52 47.93
CA LYS B 267 0.70 40.79 47.39
C LYS B 267 -0.69 40.67 46.78
N LYS B 268 -1.62 40.12 47.56
CA LYS B 268 -3.00 39.97 47.14
C LYS B 268 -3.68 41.31 46.87
N HIS B 269 -2.97 42.41 47.12
CA HIS B 269 -3.54 43.74 46.88
C HIS B 269 -3.83 43.96 45.40
N VAL B 270 -2.91 43.56 44.52
CA VAL B 270 -3.09 43.81 43.09
C VAL B 270 -4.05 42.83 42.45
N SER B 271 -4.33 41.70 43.11
CA SER B 271 -5.29 40.76 42.55
C SER B 271 -6.67 41.39 42.42
N ASN B 272 -7.00 42.34 43.30
CA ASN B 272 -8.27 43.05 43.17
C ASN B 272 -8.33 43.83 41.87
N VAL B 273 -7.27 44.58 41.55
CA VAL B 273 -7.24 45.35 40.32
C VAL B 273 -7.30 44.43 39.11
N HIS B 274 -6.53 43.33 39.16
CA HIS B 274 -6.49 42.41 38.02
C HIS B 274 -7.85 41.76 37.78
N LYS B 275 -8.43 41.18 38.84
CA LYS B 275 -9.75 40.57 38.73
C LYS B 275 -10.85 41.59 38.46
N ALA B 276 -10.60 42.87 38.70
CA ALA B 276 -11.57 43.91 38.41
C ALA B 276 -11.48 44.43 36.99
N LEU B 277 -10.31 44.33 36.35
CA LEU B 277 -10.17 44.83 35.00
C LEU B 277 -10.19 43.73 33.94
N ASP B 278 -9.89 42.48 34.30
CA ASP B 278 -10.12 41.39 33.36
C ASP B 278 -11.62 41.21 33.09
N SER B 279 -12.44 41.44 34.11
CA SER B 279 -13.90 41.43 33.96
C SER B 279 -14.42 42.80 33.53
N ASP B 280 -13.83 43.32 32.46
CA ASP B 280 -14.28 44.47 31.67
C ASP B 280 -14.99 45.55 32.46
N ASP B 281 -14.33 46.12 33.46
CA ASP B 281 -14.82 47.31 34.14
C ASP B 281 -13.69 48.30 34.30
N ILE B 282 -13.99 49.58 34.05
CA ILE B 282 -12.98 50.63 33.94
C ILE B 282 -13.18 51.70 35.01
N GLU B 283 -14.40 52.22 35.15
CA GLU B 283 -14.65 53.19 36.20
C GLU B 283 -14.46 52.56 37.58
N LEU B 284 -14.74 51.26 37.71
CA LEU B 284 -14.50 50.56 38.96
C LEU B 284 -13.02 50.63 39.35
N VAL B 285 -12.13 50.26 38.42
CA VAL B 285 -10.71 50.27 38.73
C VAL B 285 -10.21 51.70 38.90
N LYS B 286 -10.81 52.66 38.19
CA LYS B 286 -10.44 54.06 38.40
C LYS B 286 -10.73 54.48 39.84
N LEU B 287 -11.93 54.16 40.32
CA LEU B 287 -12.28 54.50 41.70
C LEU B 287 -11.40 53.74 42.70
N LEU B 288 -11.12 52.46 42.41
CA LEU B 288 -10.30 51.67 43.33
C LEU B 288 -8.89 52.24 43.43
N LEU B 289 -8.27 52.54 42.30
CA LEU B 289 -6.93 53.12 42.32
C LEU B 289 -6.94 54.48 43.01
N LYS B 290 -7.96 55.30 42.75
CA LYS B 290 -8.06 56.58 43.43
C LYS B 290 -8.44 56.44 44.90
N GLU B 291 -8.88 55.25 45.32
CA GLU B 291 -9.30 55.07 46.71
C GLU B 291 -8.11 54.84 47.63
N ASP B 292 -7.36 53.76 47.39
CA ASP B 292 -6.23 53.43 48.27
C ASP B 292 -4.92 54.05 47.82
N HIS B 293 -4.82 54.52 46.58
CA HIS B 293 -3.61 55.17 46.07
C HIS B 293 -2.40 54.24 46.20
N THR B 294 -2.46 53.16 45.43
CA THR B 294 -1.52 52.05 45.56
C THR B 294 -0.81 51.81 44.24
N ASN B 295 -0.21 52.86 43.68
CA ASN B 295 0.70 52.82 42.53
C ASN B 295 0.19 51.94 41.38
N LEU B 296 -0.91 52.37 40.75
CA LEU B 296 -1.50 51.66 39.62
C LEU B 296 -0.47 51.07 38.67
N ASP B 297 0.50 51.88 38.23
CA ASP B 297 1.47 51.40 37.27
C ASP B 297 2.29 50.23 37.82
N ASP B 298 2.57 50.22 39.11
CA ASP B 298 3.40 49.17 39.70
C ASP B 298 2.74 47.80 39.67
N ALA B 299 1.45 47.73 39.37
CA ALA B 299 0.76 46.46 39.17
C ALA B 299 0.80 46.02 37.71
N CYS B 300 1.51 46.75 36.86
CA CYS B 300 1.65 46.43 35.44
C CYS B 300 0.28 46.22 34.79
N ALA B 301 -0.64 47.12 35.10
CA ALA B 301 -1.98 47.04 34.52
C ALA B 301 -1.93 47.27 33.01
N LEU B 302 -1.01 48.11 32.53
CA LEU B 302 -0.91 48.35 31.10
C LEU B 302 -0.61 47.07 30.34
N HIS B 303 0.44 46.36 30.76
CA HIS B 303 0.82 45.13 30.07
C HIS B 303 -0.28 44.07 30.17
N PHE B 304 -0.87 43.94 31.37
CA PHE B 304 -1.92 42.93 31.56
C PHE B 304 -3.11 43.21 30.66
N ALA B 305 -3.58 44.46 30.63
CA ALA B 305 -4.73 44.78 29.81
C ALA B 305 -4.41 44.68 28.32
N VAL B 306 -3.19 45.02 27.93
CA VAL B 306 -2.82 44.94 26.52
C VAL B 306 -2.74 43.49 26.07
N ALA B 307 -2.22 42.60 26.92
CA ALA B 307 -1.93 41.23 26.51
C ALA B 307 -3.11 40.29 26.67
N TYR B 308 -3.90 40.43 27.73
CA TYR B 308 -4.94 39.45 28.01
C TYR B 308 -6.35 39.98 27.86
N CYS B 309 -6.58 41.27 28.06
CA CYS B 309 -7.92 41.83 27.99
C CYS B 309 -8.30 42.07 26.53
N ASN B 310 -9.41 42.77 26.31
CA ASN B 310 -9.96 42.98 24.99
C ASN B 310 -9.56 44.38 24.50
N VAL B 311 -9.59 44.54 23.16
CA VAL B 311 -9.08 45.74 22.51
C VAL B 311 -9.80 46.98 23.01
N LYS B 312 -11.12 46.88 23.23
CA LYS B 312 -11.87 48.05 23.71
C LYS B 312 -11.39 48.46 25.10
N THR B 313 -11.12 47.48 25.97
CA THR B 313 -10.69 47.78 27.33
C THR B 313 -9.34 48.48 27.33
N ALA B 314 -8.39 47.97 26.54
CA ALA B 314 -7.09 48.64 26.42
C ALA B 314 -7.26 50.03 25.81
N THR B 315 -8.15 50.16 24.84
CA THR B 315 -8.39 51.44 24.21
C THR B 315 -8.84 52.48 25.23
N ASP B 316 -9.84 52.14 26.04
CA ASP B 316 -10.31 53.10 27.04
C ASP B 316 -9.27 53.33 28.14
N LEU B 317 -8.52 52.29 28.51
CA LEU B 317 -7.49 52.47 29.52
C LEU B 317 -6.45 53.48 29.06
N LEU B 318 -6.04 53.39 27.78
CA LEU B 318 -5.10 54.37 27.26
C LEU B 318 -5.76 55.71 27.03
N LYS B 319 -7.07 55.73 26.78
CA LYS B 319 -7.78 57.00 26.76
C LYS B 319 -7.61 57.72 28.08
N LEU B 320 -7.79 57.00 29.19
CA LEU B 320 -7.36 57.51 30.48
C LEU B 320 -5.85 57.69 30.47
N ASP B 321 -5.36 58.72 31.15
CA ASP B 321 -3.93 59.03 31.21
C ASP B 321 -3.51 59.22 32.66
N LEU B 322 -3.23 58.10 33.35
CA LEU B 322 -2.75 58.17 34.72
C LEU B 322 -1.63 57.19 35.03
N ALA B 323 -1.12 56.43 34.06
CA ALA B 323 -0.06 55.48 34.30
C ALA B 323 1.01 55.61 33.23
N ASP B 324 2.27 55.43 33.64
CA ASP B 324 3.38 55.54 32.70
C ASP B 324 3.33 54.41 31.68
N VAL B 325 4.03 54.61 30.56
CA VAL B 325 3.92 53.71 29.42
C VAL B 325 5.21 52.95 29.15
N ASN B 326 6.37 53.48 29.51
CA ASN B 326 7.63 52.80 29.25
C ASN B 326 8.12 51.98 30.44
N HIS B 327 7.37 51.95 31.54
CA HIS B 327 7.78 51.22 32.73
C HIS B 327 7.65 49.72 32.46
N ARG B 328 8.76 49.06 32.16
CA ARG B 328 8.73 47.68 31.73
C ARG B 328 8.39 46.74 32.89
N ASN B 329 7.87 45.57 32.54
CA ASN B 329 7.36 44.61 33.50
C ASN B 329 8.49 43.72 34.02
N PRO B 330 8.24 42.89 35.05
CA PRO B 330 9.34 42.10 35.62
C PRO B 330 10.06 41.21 34.63
N ARG B 331 9.34 40.64 33.66
CA ARG B 331 10.01 39.82 32.66
C ARG B 331 10.97 40.64 31.81
N GLY B 332 10.67 41.91 31.59
CA GLY B 332 11.55 42.77 30.83
C GLY B 332 10.94 43.24 29.53
N TYR B 333 9.62 43.35 29.48
CA TYR B 333 8.89 43.75 28.28
C TYR B 333 8.21 45.08 28.53
N THR B 334 8.46 46.05 27.65
CA THR B 334 7.70 47.29 27.72
C THR B 334 6.27 47.04 27.23
N VAL B 335 5.45 48.08 27.33
CA VAL B 335 4.05 47.94 26.93
C VAL B 335 3.94 47.69 25.43
N LEU B 336 4.75 48.39 24.64
CA LEU B 336 4.59 48.26 23.20
C LEU B 336 5.23 46.97 22.66
N HIS B 337 6.20 46.39 23.36
CA HIS B 337 6.68 45.06 22.98
C HIS B 337 5.52 44.07 22.97
N VAL B 338 4.77 43.98 24.06
CA VAL B 338 3.68 43.02 24.12
C VAL B 338 2.55 43.47 23.21
N ALA B 339 2.38 44.79 23.03
CA ALA B 339 1.39 45.25 22.07
C ALA B 339 1.66 44.70 20.68
N ALA B 340 2.93 44.76 20.26
CA ALA B 340 3.30 44.21 18.96
C ALA B 340 3.15 42.71 18.94
N MET B 341 3.53 42.02 20.02
CA MET B 341 3.43 40.57 20.04
C MET B 341 1.98 40.10 19.96
N ARG B 342 1.05 40.90 20.48
CA ARG B 342 -0.36 40.53 20.45
C ARG B 342 -0.94 40.59 19.04
N LYS B 343 -0.28 41.30 18.13
CA LYS B 343 -0.77 41.49 16.76
C LYS B 343 -2.10 42.25 16.74
N GLU B 344 -2.06 43.48 17.26
CA GLU B 344 -3.22 44.37 17.22
C GLU B 344 -2.78 45.73 16.70
N PRO B 345 -3.00 46.02 15.42
CA PRO B 345 -2.48 47.27 14.83
C PRO B 345 -3.04 48.52 15.47
N GLN B 346 -4.31 48.52 15.89
CA GLN B 346 -4.89 49.70 16.50
C GLN B 346 -4.14 50.07 17.78
N LEU B 347 -3.82 49.06 18.59
CA LEU B 347 -3.03 49.32 19.80
C LEU B 347 -1.65 49.84 19.47
N ILE B 348 -1.00 49.27 18.44
CA ILE B 348 0.36 49.70 18.12
C ILE B 348 0.36 51.17 17.70
N LEU B 349 -0.54 51.55 16.80
CA LEU B 349 -0.60 52.96 16.40
C LEU B 349 -1.00 53.87 17.56
N SER B 350 -1.94 53.42 18.40
CA SER B 350 -2.38 54.24 19.52
C SER B 350 -1.24 54.49 20.51
N LEU B 351 -0.47 53.45 20.81
CA LEU B 351 0.68 53.62 21.70
C LEU B 351 1.78 54.44 21.04
N LEU B 352 1.92 54.34 19.72
CA LEU B 352 2.80 55.27 19.01
C LEU B 352 2.34 56.71 19.23
N GLU B 353 1.02 56.93 19.32
CA GLU B 353 0.51 58.26 19.62
C GLU B 353 0.85 58.71 21.03
N LYS B 354 1.03 57.79 21.97
CA LYS B 354 1.38 58.15 23.33
C LYS B 354 2.85 58.48 23.51
N GLY B 355 3.65 58.40 22.43
CA GLY B 355 5.05 58.75 22.51
C GLY B 355 5.96 57.70 23.07
N ALA B 356 5.48 56.47 23.22
CA ALA B 356 6.30 55.40 23.80
C ALA B 356 7.47 55.08 22.87
N SER B 357 8.66 54.98 23.46
CA SER B 357 9.87 54.75 22.66
C SER B 357 9.82 53.38 21.99
N ALA B 358 9.66 53.36 20.67
CA ALA B 358 9.60 52.13 19.90
C ALA B 358 10.95 51.74 19.32
N SER B 359 12.04 52.09 20.00
CA SER B 359 13.38 51.70 19.58
C SER B 359 14.17 51.05 20.71
N GLU B 360 13.50 50.67 21.79
CA GLU B 360 14.14 50.10 22.96
C GLU B 360 13.91 48.59 22.96
N ALA B 361 15.01 47.83 23.05
CA ALA B 361 14.95 46.38 22.95
C ALA B 361 14.91 45.75 24.33
N THR B 362 14.46 44.50 24.37
CA THR B 362 14.35 43.75 25.61
C THR B 362 15.73 43.21 25.99
N LEU B 363 15.77 42.29 26.96
CA LEU B 363 17.05 41.72 27.37
C LEU B 363 17.70 40.95 26.23
N GLU B 364 16.91 40.17 25.49
CA GLU B 364 17.45 39.47 24.33
C GLU B 364 17.95 40.46 23.28
N GLY B 365 17.17 41.51 23.01
CA GLY B 365 17.58 42.52 22.06
C GLY B 365 16.62 42.74 20.91
N ARG B 366 15.35 42.43 21.09
CA ARG B 366 14.37 42.48 20.02
C ARG B 366 13.41 43.63 20.23
N THR B 367 13.25 44.46 19.19
CA THR B 367 12.36 45.62 19.21
C THR B 367 10.97 45.24 18.73
N ALA B 368 10.12 46.23 18.52
CA ALA B 368 8.79 45.97 18.00
C ALA B 368 8.84 45.39 16.59
N LEU B 369 9.73 45.93 15.75
CA LEU B 369 9.84 45.45 14.38
C LEU B 369 10.07 43.95 14.32
N MET B 370 11.08 43.45 15.03
CA MET B 370 11.42 42.04 14.93
C MET B 370 10.47 41.14 15.72
N ILE B 371 9.86 41.63 16.79
CA ILE B 371 8.76 40.87 17.40
C ILE B 371 7.66 40.64 16.37
N ALA B 372 7.23 41.73 15.71
CA ALA B 372 6.14 41.62 14.75
C ALA B 372 6.53 40.75 13.57
N LYS B 373 7.78 40.86 13.12
CA LYS B 373 8.23 40.04 12.00
C LYS B 373 8.21 38.57 12.35
N GLN B 374 8.83 38.19 13.46
CA GLN B 374 8.92 36.77 13.80
C GLN B 374 7.60 36.20 14.28
N ALA B 375 6.61 37.04 14.61
CA ALA B 375 5.30 36.49 14.97
C ALA B 375 4.56 35.98 13.74
N THR B 376 4.66 36.68 12.63
CA THR B 376 3.79 36.44 11.48
C THR B 376 4.33 35.30 10.61
N MET B 377 3.51 34.90 9.63
CA MET B 377 3.84 33.85 8.67
C MET B 377 3.88 34.44 7.27
N ALA B 378 4.97 34.20 6.56
CA ALA B 378 5.14 34.76 5.23
C ALA B 378 4.20 34.09 4.22
N VAL B 379 3.66 34.89 3.31
CA VAL B 379 2.90 34.36 2.19
C VAL B 379 3.23 35.15 0.93
N LYS B 389 -7.46 35.99 1.45
CA LYS B 389 -7.82 34.62 1.83
C LYS B 389 -6.87 34.07 2.87
N HIS B 390 -6.51 34.92 3.84
CA HIS B 390 -5.61 34.54 4.92
C HIS B 390 -5.78 35.53 6.06
N SER B 391 -4.88 35.49 7.04
CA SER B 391 -4.90 36.40 8.17
C SER B 391 -4.04 37.61 7.83
N LEU B 392 -4.69 38.76 7.66
CA LEU B 392 -4.00 39.99 7.27
C LEU B 392 -3.57 40.83 8.47
N LYS B 393 -3.81 40.36 9.70
CA LYS B 393 -3.42 41.14 10.87
C LYS B 393 -1.91 41.29 10.96
N GLY B 394 -1.17 40.19 10.84
CA GLY B 394 0.26 40.23 11.05
C GLY B 394 1.00 41.06 10.02
N ARG B 395 0.64 40.91 8.74
CA ARG B 395 1.31 41.65 7.68
C ARG B 395 1.01 43.14 7.71
N LEU B 396 0.04 43.59 8.51
CA LEU B 396 -0.25 45.01 8.57
C LEU B 396 0.52 45.69 9.70
N CYS B 397 0.86 44.96 10.76
CA CYS B 397 1.60 45.53 11.88
C CYS B 397 3.08 45.73 11.54
N VAL B 398 3.64 44.86 10.70
CA VAL B 398 5.03 45.00 10.31
C VAL B 398 5.24 46.34 9.61
N GLU B 399 4.28 46.75 8.78
CA GLU B 399 4.44 47.97 8.01
C GLU B 399 4.54 49.20 8.91
N ILE B 400 3.72 49.26 9.97
CA ILE B 400 3.66 50.46 10.80
C ILE B 400 5.02 50.73 11.45
N LEU B 401 5.72 49.68 11.86
CA LEU B 401 7.00 49.85 12.55
C LEU B 401 8.16 50.12 11.61
N GLU B 402 7.93 50.12 10.30
CA GLU B 402 8.93 50.52 9.33
C GLU B 402 8.61 51.87 8.70
N GLN B 403 7.79 52.67 9.38
CA GLN B 403 7.18 53.86 8.79
C GLN B 403 7.54 55.15 9.51
N GLU B 404 7.45 55.16 10.84
CA GLU B 404 7.53 56.37 11.66
C GLU B 404 8.87 57.09 11.60
N ASP B 405 9.85 56.54 10.87
CA ASP B 405 11.21 57.05 10.89
C ASP B 405 11.35 58.41 10.22
ZN ZN C . 7.39 -35.03 -8.01
ZN ZN D . 11.54 32.83 11.15
#